data_6X9H
#
_entry.id   6X9H
#
_cell.length_a   91.786
_cell.length_b   116.149
_cell.length_c   227.790
_cell.angle_alpha   90.000
_cell.angle_beta   90.000
_cell.angle_gamma   90.000
#
_symmetry.space_group_name_H-M   'P 21 21 21'
#
loop_
_entity.id
_entity.type
_entity.pdbx_description
1 polymer 'Acid-sensing ion channel 1'
2 non-polymer 2-acetamido-2-deoxy-beta-D-glucopyranose
3 non-polymer 2-[4-(3,4-dimethoxyphenoxy)phenyl]-1H-benzimidazole-6-carboximidamide
4 non-polymer 'SODIUM ION'
#
_entity_poly.entity_id   1
_entity_poly.type   'polypeptide(L)'
_entity_poly.pdbx_seq_one_letter_code
;STLHGISHIFSYERLSLKRVVWALCFMGSLALLALVCTNRIQYYFLYPHVTKLDEVAATRLTFPAVTFCNLNEFRFSRVT
KNDLYHAGELLALLNNRYEIPDTQTADEKQLEILQDKANFRNFKPKPFNMLEFYDRAGHDIREMLLSCFFRGEQCSPEDF
KVVFTRYGKCYTFNAGQDGKPRLITMKGGTGNGLEIMLDIQQDEYLPVWGETDETSFEAGIKVQIHSQDEPPLIDQLGFG
VAPGFQTFVSCQEQRLIYLPPPWGDCKATTGDSEFYDTYSITACRIDCETRYLVENCNCRMVHMPGDAPYCTPEQYKECA
DPALDFLVEKDNEYCVCEMPCNVTRYGKELSMVKIPSKASAKYLAKKYNKSEQYIGENILVLDIFFEALNYETIEQKKAY
EVAGLLGDIGGQMGLFIGASILTVLELFDYAYEVIKHR
;
_entity_poly.pdbx_strand_id   A,B,C
#
loop_
_chem_comp.id
_chem_comp.type
_chem_comp.name
_chem_comp.formula
NA non-polymer 'SODIUM ION' 'Na 1'
NAG D-saccharide, beta linking 2-acetamido-2-deoxy-beta-D-glucopyranose 'C8 H15 N O6'
UZG non-polymer 2-[4-(3,4-dimethoxyphenoxy)phenyl]-1H-benzimidazole-6-carboximidamide 'C22 H20 N4 O3'
#
# COMPACT_ATOMS: atom_id res chain seq x y z
N LYS A 18 -2.35 38.55 -60.98
CA LYS A 18 -2.71 38.25 -59.60
C LYS A 18 -2.54 36.76 -59.30
N ARG A 19 -1.96 36.02 -60.24
CA ARG A 19 -1.65 34.61 -60.04
C ARG A 19 -0.26 34.41 -59.46
N VAL A 20 0.42 35.48 -59.06
CA VAL A 20 1.59 35.36 -58.20
C VAL A 20 1.17 35.20 -56.74
N VAL A 21 0.01 35.76 -56.36
CA VAL A 21 -0.62 35.38 -55.10
C VAL A 21 -0.99 33.90 -55.13
N TRP A 22 -1.23 33.35 -56.32
CA TRP A 22 -1.65 31.96 -56.41
C TRP A 22 -0.49 30.98 -56.23
N ALA A 23 0.57 31.10 -57.02
CA ALA A 23 1.72 30.20 -56.85
C ALA A 23 2.49 30.49 -55.55
N LEU A 24 2.29 31.67 -54.96
CA LEU A 24 2.73 31.91 -53.59
C LEU A 24 1.91 31.04 -52.63
N CYS A 25 0.60 30.97 -52.87
CA CYS A 25 -0.34 30.19 -52.08
C CYS A 25 -0.31 28.69 -52.39
N PHE A 26 0.35 28.24 -53.45
CA PHE A 26 0.69 26.83 -53.56
C PHE A 26 2.02 26.51 -52.87
N MET A 27 3.02 27.39 -53.04
CA MET A 27 4.31 27.19 -52.39
C MET A 27 4.17 27.16 -50.87
N GLY A 28 3.34 28.04 -50.32
CA GLY A 28 3.05 27.98 -48.89
C GLY A 28 2.34 26.71 -48.49
N SER A 29 1.22 26.40 -49.14
CA SER A 29 0.46 25.21 -48.75
C SER A 29 1.27 23.94 -48.98
N LEU A 30 2.23 23.98 -49.91
CA LEU A 30 3.09 22.82 -50.06
C LEU A 30 4.06 22.70 -48.89
N ALA A 31 4.63 23.83 -48.44
CA ALA A 31 5.51 23.82 -47.28
C ALA A 31 4.80 23.32 -46.03
N LEU A 32 3.53 23.72 -45.85
CA LEU A 32 2.78 23.27 -44.69
C LEU A 32 2.58 21.76 -44.69
N LEU A 33 2.29 21.18 -45.86
CA LEU A 33 2.21 19.73 -45.91
C LEU A 33 3.55 19.10 -45.55
N ALA A 34 4.65 19.66 -46.05
CA ALA A 34 5.97 19.12 -45.69
C ALA A 34 6.19 19.13 -44.17
N LEU A 35 5.75 20.20 -43.52
CA LEU A 35 5.97 20.35 -42.09
C LEU A 35 5.06 19.44 -41.27
N VAL A 36 3.75 19.51 -41.51
CA VAL A 36 2.81 18.69 -40.74
C VAL A 36 3.00 17.21 -41.05
N CYS A 37 3.29 16.87 -42.31
CA CYS A 37 3.51 15.47 -42.64
C CYS A 37 4.78 14.94 -42.02
N THR A 38 5.82 15.77 -41.90
CA THR A 38 7.06 15.30 -41.27
C THR A 38 6.88 15.08 -39.77
N ASN A 39 6.01 15.87 -39.13
CA ASN A 39 5.72 15.69 -37.71
C ASN A 39 5.14 14.30 -37.43
N ARG A 40 4.18 13.86 -38.24
CA ARG A 40 3.66 12.52 -38.05
C ARG A 40 4.65 11.45 -38.47
N ILE A 41 5.68 11.78 -39.25
CA ILE A 41 6.65 10.75 -39.53
C ILE A 41 7.60 10.60 -38.37
N GLN A 42 7.91 11.72 -37.71
CA GLN A 42 8.76 11.65 -36.54
C GLN A 42 8.02 10.96 -35.38
N TYR A 43 6.78 11.39 -35.12
CA TYR A 43 5.97 10.78 -34.07
C TYR A 43 5.89 9.28 -34.24
N TYR A 44 5.59 8.84 -35.45
CA TYR A 44 5.58 7.40 -35.71
C TYR A 44 6.93 6.78 -35.38
N PHE A 45 8.02 7.50 -35.62
CA PHE A 45 9.33 6.94 -35.37
C PHE A 45 9.73 7.00 -33.90
N LEU A 46 9.03 7.77 -33.07
CA LEU A 46 9.18 7.61 -31.63
C LEU A 46 8.62 6.27 -31.14
N TYR A 47 7.88 5.56 -31.99
CA TYR A 47 7.18 4.33 -31.61
C TYR A 47 6.38 4.51 -30.32
N PRO A 48 5.47 5.48 -30.28
CA PRO A 48 4.77 5.77 -29.03
C PRO A 48 3.80 4.67 -28.66
N HIS A 49 3.59 4.52 -27.34
CA HIS A 49 2.58 3.63 -26.78
C HIS A 49 1.85 4.35 -25.64
N VAL A 50 0.60 3.97 -25.37
CA VAL A 50 -0.13 4.41 -24.19
C VAL A 50 -0.69 3.18 -23.46
N THR A 51 -1.31 3.43 -22.30
CA THR A 51 -1.64 2.37 -21.36
C THR A 51 -3.15 2.22 -21.20
N LYS A 52 -3.59 0.96 -21.17
CA LYS A 52 -4.99 0.58 -21.05
C LYS A 52 -5.15 -0.12 -19.71
N LEU A 53 -5.72 0.58 -18.76
CA LEU A 53 -6.08 0.00 -17.48
C LEU A 53 -7.46 -0.66 -17.62
N ASP A 54 -7.58 -1.89 -17.12
CA ASP A 54 -8.85 -2.59 -17.10
C ASP A 54 -8.95 -3.48 -15.87
N GLU A 55 -10.19 -3.73 -15.44
CA GLU A 55 -10.51 -4.64 -14.34
C GLU A 55 -11.58 -5.60 -14.81
N VAL A 56 -11.36 -6.89 -14.64
CA VAL A 56 -12.27 -7.87 -15.21
C VAL A 56 -12.70 -8.83 -14.10
N ALA A 57 -13.99 -9.16 -14.06
CA ALA A 57 -14.49 -10.05 -13.01
C ALA A 57 -14.11 -11.50 -13.31
N ALA A 58 -14.10 -12.32 -12.26
CA ALA A 58 -13.80 -13.73 -12.44
C ALA A 58 -14.62 -14.52 -11.44
N THR A 59 -14.80 -15.80 -11.72
CA THR A 59 -15.55 -16.67 -10.82
C THR A 59 -14.63 -17.49 -9.95
N ARG A 60 -13.48 -17.87 -10.49
CA ARG A 60 -12.38 -18.50 -9.79
C ARG A 60 -11.17 -17.60 -9.97
N LEU A 61 -10.11 -17.88 -9.22
CA LEU A 61 -8.90 -17.07 -9.32
C LEU A 61 -7.73 -17.95 -8.88
N THR A 62 -6.66 -18.02 -9.69
CA THR A 62 -5.55 -18.89 -9.29
C THR A 62 -4.79 -18.29 -8.10
N PHE A 63 -4.59 -19.13 -7.07
CA PHE A 63 -3.87 -18.69 -5.89
C PHE A 63 -2.36 -18.71 -6.13
N PRO A 64 -1.62 -17.74 -5.55
CA PRO A 64 -0.18 -17.67 -5.82
C PRO A 64 0.59 -18.76 -5.11
N ALA A 65 1.92 -18.74 -5.26
CA ALA A 65 2.80 -19.46 -4.37
C ALA A 65 3.11 -18.52 -3.22
N VAL A 66 3.35 -19.10 -2.06
CA VAL A 66 3.69 -18.35 -0.86
C VAL A 66 4.93 -19.01 -0.30
N THR A 67 6.02 -18.24 -0.25
CA THR A 67 7.30 -18.69 0.28
C THR A 67 7.50 -17.97 1.59
N PHE A 68 7.88 -18.72 2.62
CA PHE A 68 8.24 -18.08 3.88
C PHE A 68 9.47 -18.74 4.48
N CYS A 69 10.19 -17.91 5.22
CA CYS A 69 11.43 -18.19 5.90
C CYS A 69 11.28 -17.77 7.35
N ASN A 70 11.75 -18.62 8.25
CA ASN A 70 12.01 -18.18 9.61
C ASN A 70 13.25 -17.31 9.56
N LEU A 71 13.23 -16.21 10.33
CA LEU A 71 14.37 -15.30 10.35
C LEU A 71 15.64 -15.94 10.89
N ASN A 72 15.53 -17.01 11.67
CA ASN A 72 16.71 -17.75 12.12
C ASN A 72 17.05 -18.84 11.12
N GLU A 73 18.33 -19.03 10.86
CA GLU A 73 18.81 -19.87 9.76
C GLU A 73 19.04 -21.32 10.21
N PHE A 74 19.67 -21.50 11.40
CA PHE A 74 20.10 -22.76 11.98
C PHE A 74 19.58 -22.89 13.41
N ARG A 75 18.96 -24.02 13.74
CA ARG A 75 18.46 -24.18 15.10
C ARG A 75 19.60 -24.40 16.08
N PHE A 76 19.58 -23.64 17.18
CA PHE A 76 20.66 -23.70 18.18
C PHE A 76 20.89 -25.12 18.67
N SER A 77 19.81 -25.88 18.85
CA SER A 77 19.92 -27.22 19.42
C SER A 77 20.47 -28.23 18.42
N ARG A 78 20.31 -27.98 17.13
CA ARG A 78 20.77 -28.91 16.11
C ARG A 78 22.20 -28.65 15.67
N VAL A 79 22.85 -27.63 16.22
CA VAL A 79 24.28 -27.37 16.01
C VAL A 79 25.10 -28.38 16.80
N THR A 80 25.91 -29.19 16.10
CA THR A 80 26.75 -30.21 16.73
C THR A 80 28.16 -29.72 16.97
N LYS A 81 28.94 -30.52 17.70
CA LYS A 81 30.37 -30.23 17.88
C LYS A 81 31.06 -30.08 16.54
N ASN A 82 30.79 -30.98 15.60
CA ASN A 82 31.46 -30.86 14.32
C ASN A 82 31.04 -29.59 13.60
N ASP A 83 29.75 -29.23 13.67
CA ASP A 83 29.30 -27.98 13.09
C ASP A 83 30.03 -26.79 13.71
N LEU A 84 30.22 -26.82 15.01
CA LEU A 84 30.82 -25.67 15.68
C LEU A 84 32.28 -25.53 15.27
N TYR A 85 32.98 -26.65 15.07
CA TYR A 85 34.37 -26.61 14.61
C TYR A 85 34.49 -25.98 13.22
N HIS A 86 33.60 -26.36 12.29
CA HIS A 86 33.73 -25.95 10.90
C HIS A 86 33.05 -24.61 10.60
N ALA A 87 31.94 -24.30 11.28
CA ALA A 87 31.19 -23.08 10.98
C ALA A 87 31.07 -22.14 12.17
N GLY A 88 31.65 -22.48 13.33
CA GLY A 88 31.40 -21.70 14.53
C GLY A 88 31.88 -20.25 14.45
N GLU A 89 33.10 -20.04 13.93
CA GLU A 89 33.59 -18.68 13.78
C GLU A 89 32.77 -17.91 12.74
N LEU A 90 32.36 -18.58 11.67
CA LEU A 90 31.50 -17.95 10.67
C LEU A 90 30.20 -17.43 11.28
N LEU A 91 29.68 -18.12 12.28
CA LEU A 91 28.35 -17.86 12.78
C LEU A 91 28.35 -16.99 14.03
N ALA A 92 29.48 -16.39 14.37
CA ALA A 92 29.60 -15.59 15.59
C ALA A 92 29.35 -16.43 16.82
N LEU A 93 29.76 -17.71 16.80
CA LEU A 93 29.69 -18.52 18.01
C LEU A 93 31.05 -18.85 18.59
N LEU A 94 32.12 -18.58 17.87
CA LEU A 94 33.46 -18.81 18.37
C LEU A 94 34.36 -17.69 17.87
N ASN A 95 35.23 -17.20 18.73
CA ASN A 95 36.26 -16.31 18.20
C ASN A 95 37.33 -17.15 17.55
N ASN A 96 38.26 -16.49 16.84
CA ASN A 96 39.21 -17.22 16.02
C ASN A 96 40.22 -18.04 16.84
N ARG A 97 40.08 -18.05 18.17
CA ARG A 97 40.77 -19.00 19.03
C ARG A 97 39.93 -20.24 19.32
N TYR A 98 38.74 -20.32 18.74
CA TYR A 98 37.82 -21.45 18.89
C TYR A 98 37.16 -21.49 20.27
N GLU A 99 36.91 -20.36 20.91
CA GLU A 99 36.27 -20.40 22.20
C GLU A 99 35.09 -19.42 22.31
N ILE A 100 34.27 -19.60 23.35
CA ILE A 100 33.18 -18.65 23.58
C ILE A 100 33.78 -17.28 23.87
N PRO A 101 33.32 -16.19 23.23
CA PRO A 101 34.12 -14.95 23.22
C PRO A 101 34.07 -14.13 24.51
N ASP A 102 34.33 -14.78 25.66
CA ASP A 102 34.49 -14.09 26.94
C ASP A 102 33.25 -13.31 27.34
N THR A 103 32.82 -12.37 26.48
CA THR A 103 31.62 -11.55 26.67
C THR A 103 30.45 -12.39 27.20
N GLN A 104 30.12 -13.46 26.46
CA GLN A 104 29.22 -14.53 26.93
C GLN A 104 27.90 -13.97 27.44
N THR A 105 27.51 -12.82 26.90
CA THR A 105 26.31 -12.07 27.26
C THR A 105 25.03 -12.76 26.82
N ALA A 106 24.72 -13.90 27.47
CA ALA A 106 23.47 -14.63 27.28
C ALA A 106 23.37 -15.66 28.41
N ASP A 107 22.15 -16.20 28.56
CA ASP A 107 21.73 -16.95 29.77
C ASP A 107 22.47 -18.30 29.82
N GLU A 108 22.70 -18.81 31.04
CA GLU A 108 23.71 -19.86 31.28
C GLU A 108 23.36 -21.11 30.49
N LYS A 109 22.06 -21.46 30.43
CA LYS A 109 21.68 -22.80 29.92
C LYS A 109 22.14 -22.93 28.47
N GLN A 110 21.95 -21.89 27.66
CA GLN A 110 22.56 -21.86 26.31
C GLN A 110 24.08 -21.98 26.46
N LEU A 111 24.71 -21.01 27.12
CA LEU A 111 26.17 -20.96 27.22
C LEU A 111 26.76 -22.22 27.86
N GLU A 112 26.00 -22.89 28.74
CA GLU A 112 26.42 -24.19 29.24
C GLU A 112 26.33 -25.24 28.13
N ILE A 113 25.22 -25.20 27.36
CA ILE A 113 25.03 -26.13 26.25
C ILE A 113 26.21 -26.08 25.29
N LEU A 114 26.74 -24.87 25.05
CA LEU A 114 27.83 -24.66 24.11
C LEU A 114 29.18 -25.07 24.66
N GLN A 115 29.45 -24.66 25.92
CA GLN A 115 30.75 -24.97 26.51
C GLN A 115 31.04 -26.45 26.45
N ASP A 116 30.01 -27.28 26.59
CA ASP A 116 30.17 -28.71 26.36
C ASP A 116 30.36 -29.02 24.86
N LYS A 117 29.47 -28.53 24.00
CA LYS A 117 29.61 -28.81 22.58
C LYS A 117 30.90 -28.24 21.98
N ALA A 118 31.48 -27.22 22.62
CA ALA A 118 32.59 -26.47 22.03
C ALA A 118 33.94 -26.91 22.55
N ASN A 119 34.01 -28.02 23.28
CA ASN A 119 35.27 -28.53 23.80
C ASN A 119 35.90 -29.50 22.80
N PHE A 120 37.01 -29.07 22.17
CA PHE A 120 37.65 -29.82 21.09
C PHE A 120 38.83 -30.64 21.58
N ARG A 121 38.92 -30.92 22.89
CA ARG A 121 39.97 -31.80 23.41
C ARG A 121 39.78 -33.19 22.83
N ASN A 122 40.80 -33.67 22.13
CA ASN A 122 40.79 -35.03 21.60
C ASN A 122 39.67 -35.20 20.58
N PHE A 123 39.39 -34.15 19.82
CA PHE A 123 38.30 -34.16 18.85
C PHE A 123 38.81 -34.53 17.46
N LYS A 124 38.11 -35.44 16.80
CA LYS A 124 38.40 -35.80 15.41
C LYS A 124 37.41 -35.10 14.50
N PRO A 125 37.82 -34.08 13.74
CA PRO A 125 36.91 -33.46 12.79
C PRO A 125 36.44 -34.44 11.72
N LYS A 126 35.15 -34.35 11.41
CA LYS A 126 34.41 -35.12 10.43
C LYS A 126 34.10 -34.24 9.25
N PRO A 127 33.74 -34.81 8.09
CA PRO A 127 33.42 -33.99 6.93
C PRO A 127 32.22 -33.08 7.18
N PHE A 128 32.08 -32.08 6.30
CA PHE A 128 31.10 -31.03 6.54
C PHE A 128 30.73 -30.37 5.21
N ASN A 129 29.43 -30.05 5.03
CA ASN A 129 28.97 -29.34 3.85
C ASN A 129 27.88 -28.34 4.25
N MET A 130 27.94 -27.11 3.71
CA MET A 130 27.01 -26.10 4.24
C MET A 130 25.57 -26.37 3.80
N LEU A 131 25.36 -26.91 2.61
CA LEU A 131 23.99 -27.26 2.23
C LEU A 131 23.45 -28.36 3.14
N GLU A 132 24.29 -29.36 3.42
CA GLU A 132 23.86 -30.42 4.33
C GLU A 132 23.55 -29.83 5.69
N PHE A 133 24.43 -28.93 6.17
CA PHE A 133 24.19 -28.23 7.43
C PHE A 133 22.93 -27.40 7.34
N TYR A 134 22.80 -26.62 6.25
CA TYR A 134 21.61 -25.80 6.06
C TYR A 134 20.33 -26.65 6.10
N ASP A 135 20.36 -27.80 5.41
CA ASP A 135 19.19 -28.67 5.36
C ASP A 135 18.91 -29.24 6.72
N ARG A 136 19.97 -29.64 7.43
CA ARG A 136 19.85 -30.44 8.64
C ARG A 136 19.56 -29.60 9.88
N ALA A 137 20.24 -28.48 10.02
CA ALA A 137 20.01 -27.60 11.15
C ALA A 137 18.77 -26.72 10.97
N GLY A 138 18.32 -26.51 9.73
CA GLY A 138 17.26 -25.58 9.46
C GLY A 138 15.96 -25.88 10.20
N HIS A 139 15.13 -24.83 10.33
CA HIS A 139 13.84 -25.00 10.97
C HIS A 139 12.96 -25.93 10.15
N ASP A 140 12.27 -26.80 10.85
CA ASP A 140 11.47 -27.82 10.22
C ASP A 140 10.01 -27.35 10.11
N ILE A 141 9.46 -27.39 8.89
CA ILE A 141 8.06 -27.05 8.70
C ILE A 141 7.17 -27.89 9.62
N ARG A 142 7.63 -29.07 10.02
CA ARG A 142 6.84 -30.01 10.81
C ARG A 142 6.63 -29.52 12.23
N GLU A 143 7.58 -28.78 12.78
CA GLU A 143 7.45 -28.19 14.10
C GLU A 143 7.01 -26.73 14.05
N MET A 144 7.18 -26.05 12.91
CA MET A 144 6.80 -24.65 12.82
C MET A 144 5.32 -24.47 12.60
N LEU A 145 4.69 -25.43 11.92
CA LEU A 145 3.34 -25.29 11.38
C LEU A 145 2.37 -25.81 12.43
N LEU A 146 1.93 -24.93 13.34
CA LEU A 146 1.00 -25.42 14.34
C LEU A 146 -0.36 -25.75 13.72
N SER A 147 -0.76 -25.04 12.67
CA SER A 147 -2.09 -25.23 12.08
C SER A 147 -2.08 -24.65 10.68
N CYS A 148 -3.01 -25.11 9.85
CA CYS A 148 -3.00 -24.76 8.44
C CYS A 148 -4.38 -24.97 7.85
N PHE A 149 -4.90 -23.98 7.13
CA PHE A 149 -6.19 -24.15 6.50
C PHE A 149 -6.21 -23.46 5.16
N PHE A 150 -6.68 -24.14 4.11
CA PHE A 150 -6.86 -23.53 2.80
C PHE A 150 -8.28 -23.70 2.32
N ARG A 151 -8.96 -22.58 2.06
CA ARG A 151 -10.38 -22.57 1.74
C ARG A 151 -11.17 -23.30 2.82
N GLY A 152 -10.73 -23.12 4.07
CA GLY A 152 -11.39 -23.74 5.20
C GLY A 152 -11.09 -25.20 5.39
N GLU A 153 -10.47 -25.87 4.42
CA GLU A 153 -10.09 -27.26 4.56
C GLU A 153 -8.73 -27.28 5.22
N GLN A 154 -8.39 -28.39 5.89
CA GLN A 154 -7.08 -28.35 6.50
C GLN A 154 -5.99 -28.77 5.50
N CYS A 155 -4.76 -28.39 5.83
CA CYS A 155 -3.54 -28.71 5.11
C CYS A 155 -2.46 -29.10 6.11
N SER A 156 -1.39 -29.69 5.57
CA SER A 156 -0.37 -30.34 6.39
C SER A 156 0.99 -29.99 5.82
N PRO A 157 2.09 -30.30 6.51
CA PRO A 157 3.44 -30.02 5.98
C PRO A 157 3.74 -30.61 4.61
N GLU A 158 2.95 -31.59 4.15
CA GLU A 158 3.20 -32.15 2.83
C GLU A 158 2.83 -31.18 1.71
N ASP A 159 1.98 -30.21 2.01
CA ASP A 159 1.60 -29.18 1.05
C ASP A 159 2.61 -28.03 0.96
N PHE A 160 3.69 -28.05 1.75
CA PHE A 160 4.76 -27.06 1.73
C PHE A 160 6.03 -27.70 1.19
N LYS A 161 6.64 -27.11 0.17
CA LYS A 161 7.88 -27.64 -0.43
C LYS A 161 9.13 -26.87 0.00
N VAL A 162 10.21 -27.61 0.29
CA VAL A 162 11.46 -26.98 0.78
C VAL A 162 12.21 -26.35 -0.39
N VAL A 163 12.75 -25.15 -0.13
CA VAL A 163 13.53 -24.37 -1.08
C VAL A 163 14.63 -23.62 -0.32
N PHE A 164 15.82 -23.56 -0.90
CA PHE A 164 16.93 -22.98 -0.18
C PHE A 164 17.15 -21.56 -0.67
N THR A 165 17.08 -20.64 0.25
CA THR A 165 17.16 -19.24 -0.04
C THR A 165 18.31 -18.68 0.78
N ARG A 166 18.56 -17.38 0.60
CA ARG A 166 19.62 -16.77 1.38
C ARG A 166 19.29 -16.85 2.86
N TYR A 167 18.02 -17.01 3.21
CA TYR A 167 17.62 -17.30 4.57
C TYR A 167 17.67 -18.77 4.97
N GLY A 168 18.05 -19.67 4.06
CA GLY A 168 18.20 -21.08 4.40
C GLY A 168 17.06 -22.00 3.97
N LYS A 169 16.75 -22.97 4.84
CA LYS A 169 15.69 -23.93 4.54
C LYS A 169 14.34 -23.22 4.73
N CYS A 170 13.67 -22.93 3.60
CA CYS A 170 12.41 -22.22 3.54
C CYS A 170 11.31 -23.04 2.88
N TYR A 171 10.08 -22.53 3.07
CA TYR A 171 8.87 -23.28 2.73
C TYR A 171 8.01 -22.46 1.77
N THR A 172 7.53 -23.12 0.71
CA THR A 172 6.64 -22.55 -0.30
C THR A 172 5.36 -23.35 -0.38
N PHE A 173 4.25 -22.70 0.00
CA PHE A 173 2.91 -23.23 -0.15
C PHE A 173 2.49 -23.06 -1.60
N ASN A 174 1.88 -24.07 -2.18
CA ASN A 174 1.37 -24.01 -3.57
C ASN A 174 2.47 -23.76 -4.62
N ALA A 175 3.55 -24.54 -4.55
CA ALA A 175 4.70 -24.35 -5.44
C ALA A 175 4.39 -24.58 -6.92
N GLY A 176 3.36 -25.36 -7.24
CA GLY A 176 3.04 -25.60 -8.63
C GLY A 176 3.96 -26.51 -9.41
N GLN A 177 4.81 -27.30 -8.74
CA GLN A 177 5.78 -28.08 -9.49
C GLN A 177 5.44 -29.57 -9.52
N ASP A 178 5.92 -30.22 -10.59
CA ASP A 178 5.63 -31.62 -10.93
C ASP A 178 4.13 -31.89 -11.10
N GLY A 179 3.53 -31.23 -12.08
CA GLY A 179 2.22 -31.65 -12.53
C GLY A 179 1.10 -31.60 -11.50
N LYS A 180 1.40 -31.12 -10.30
CA LYS A 180 0.38 -30.90 -9.28
C LYS A 180 -0.52 -29.76 -9.75
N PRO A 181 -1.84 -29.95 -9.79
CA PRO A 181 -2.70 -28.80 -10.14
C PRO A 181 -2.38 -27.63 -9.21
N ARG A 182 -2.56 -26.42 -9.72
CA ARG A 182 -2.41 -25.22 -8.90
C ARG A 182 -3.75 -24.89 -8.22
N LEU A 183 -3.71 -24.57 -6.94
CA LEU A 183 -4.94 -24.28 -6.22
C LEU A 183 -5.64 -23.06 -6.80
N ILE A 184 -6.94 -22.98 -6.55
CA ILE A 184 -7.75 -21.86 -6.96
C ILE A 184 -8.48 -21.35 -5.74
N THR A 185 -9.15 -20.22 -5.90
CA THR A 185 -9.98 -19.65 -4.85
C THR A 185 -11.31 -19.27 -5.46
N MET A 186 -12.37 -19.39 -4.67
CA MET A 186 -13.72 -19.10 -5.14
C MET A 186 -14.38 -18.02 -4.30
N LYS A 187 -13.65 -17.39 -3.37
CA LYS A 187 -14.25 -16.35 -2.54
C LYS A 187 -13.17 -15.47 -1.93
N GLY A 188 -13.49 -14.19 -1.72
CA GLY A 188 -12.57 -13.26 -1.07
C GLY A 188 -12.82 -13.09 0.42
N GLY A 189 -11.84 -12.54 1.13
CA GLY A 189 -11.97 -12.25 2.55
C GLY A 189 -11.14 -13.21 3.40
N THR A 190 -11.16 -12.94 4.72
CA THR A 190 -10.28 -13.60 5.69
C THR A 190 -10.17 -15.10 5.50
N GLY A 191 -11.27 -15.82 5.52
CA GLY A 191 -11.04 -17.26 5.62
C GLY A 191 -10.69 -17.95 4.32
N ASN A 192 -11.02 -17.33 3.18
CA ASN A 192 -11.19 -18.08 1.95
C ASN A 192 -9.93 -18.12 1.09
N GLY A 193 -8.80 -18.30 1.77
CA GLY A 193 -7.52 -18.58 1.14
C GLY A 193 -6.64 -19.35 2.10
N LEU A 194 -5.54 -18.78 2.57
CA LEU A 194 -4.55 -19.52 3.34
C LEU A 194 -4.41 -18.88 4.71
N GLU A 195 -4.53 -19.70 5.76
CA GLU A 195 -4.44 -19.22 7.15
C GLU A 195 -3.56 -20.20 7.91
N ILE A 196 -2.35 -19.76 8.24
CA ILE A 196 -1.41 -20.59 8.99
C ILE A 196 -1.20 -19.96 10.35
N MET A 197 -0.99 -20.83 11.34
CA MET A 197 -0.41 -20.46 12.61
C MET A 197 1.01 -21.03 12.62
N LEU A 198 1.99 -20.14 12.74
CA LEU A 198 3.40 -20.48 12.78
C LEU A 198 3.96 -20.31 14.19
N ASP A 199 4.89 -21.20 14.52
CA ASP A 199 5.71 -21.14 15.72
C ASP A 199 7.14 -20.88 15.21
N ILE A 200 7.62 -19.65 15.42
CA ILE A 200 8.93 -19.27 14.91
C ILE A 200 10.06 -19.83 15.78
N GLN A 201 9.72 -20.28 16.99
CA GLN A 201 10.62 -21.00 17.89
C GLN A 201 11.78 -20.15 18.36
N GLN A 202 11.52 -19.06 19.09
CA GLN A 202 12.62 -18.16 19.49
C GLN A 202 13.64 -18.86 20.36
N ASP A 203 13.24 -19.85 21.13
CA ASP A 203 14.20 -20.50 22.02
C ASP A 203 15.26 -21.31 21.26
N GLU A 204 15.16 -21.39 19.93
CA GLU A 204 16.16 -22.03 19.08
C GLU A 204 17.05 -21.04 18.34
N TYR A 205 16.80 -19.73 18.46
CA TYR A 205 17.60 -18.75 17.70
C TYR A 205 19.01 -18.74 18.21
N LEU A 206 19.97 -18.65 17.28
CA LEU A 206 21.37 -18.60 17.71
C LEU A 206 21.58 -17.40 18.62
N PRO A 207 22.39 -17.53 19.66
CA PRO A 207 22.64 -16.39 20.55
C PRO A 207 23.34 -15.27 19.79
N VAL A 208 23.22 -14.07 20.34
CA VAL A 208 23.97 -12.91 19.85
C VAL A 208 24.95 -12.51 20.93
N TRP A 209 26.26 -12.63 20.62
CA TRP A 209 27.34 -12.23 21.54
C TRP A 209 28.12 -11.02 21.07
N GLY A 210 28.12 -10.77 19.77
CA GLY A 210 28.72 -9.64 19.10
C GLY A 210 28.12 -9.62 17.71
N GLU A 211 28.55 -8.67 16.91
CA GLU A 211 27.89 -8.37 15.65
C GLU A 211 28.75 -8.84 14.47
N THR A 212 28.09 -9.04 13.33
CA THR A 212 28.74 -9.36 12.06
C THR A 212 27.94 -8.67 10.96
N ASP A 213 28.41 -8.78 9.71
CA ASP A 213 27.55 -8.34 8.61
C ASP A 213 26.21 -9.08 8.67
N GLU A 214 26.22 -10.31 9.20
CA GLU A 214 25.16 -11.30 9.07
C GLU A 214 24.33 -11.51 10.34
N THR A 215 24.43 -10.64 11.32
CA THR A 215 23.80 -10.88 12.61
C THR A 215 22.55 -9.99 12.74
N SER A 216 21.43 -10.53 13.24
CA SER A 216 20.19 -9.76 13.36
C SER A 216 19.70 -9.65 14.80
N PHE A 217 19.04 -8.53 15.12
CA PHE A 217 18.21 -8.41 16.32
C PHE A 217 16.73 -8.70 16.04
N GLU A 218 16.39 -9.05 14.82
CA GLU A 218 15.00 -9.23 14.46
C GLU A 218 14.55 -10.64 14.83
N ALA A 219 13.26 -10.80 15.09
CA ALA A 219 12.66 -12.11 15.26
C ALA A 219 11.25 -12.09 14.67
N GLY A 220 10.92 -13.10 13.88
CA GLY A 220 9.70 -13.23 13.12
C GLY A 220 9.95 -14.08 11.87
N ILE A 221 9.17 -13.83 10.81
CA ILE A 221 9.29 -14.55 9.56
C ILE A 221 9.35 -13.57 8.40
N LYS A 222 9.80 -14.09 7.25
CA LYS A 222 9.81 -13.29 6.04
C LYS A 222 8.97 -14.03 5.02
N VAL A 223 8.09 -13.31 4.33
CA VAL A 223 7.11 -13.87 3.42
C VAL A 223 7.21 -13.17 2.10
N GLN A 224 7.23 -13.94 1.01
CA GLN A 224 7.06 -13.41 -0.34
C GLN A 224 5.93 -14.16 -1.04
N ILE A 225 4.99 -13.40 -1.58
CA ILE A 225 3.88 -13.92 -2.36
C ILE A 225 4.23 -13.75 -3.82
N HIS A 226 4.48 -14.86 -4.53
CA HIS A 226 4.96 -14.77 -5.91
C HIS A 226 4.31 -15.82 -6.80
N SER A 227 4.22 -15.53 -8.09
CA SER A 227 3.75 -16.50 -9.06
C SER A 227 4.69 -17.70 -9.18
N GLN A 228 4.13 -18.86 -9.50
CA GLN A 228 4.94 -20.07 -9.62
C GLN A 228 5.90 -20.06 -10.81
N ASP A 229 5.80 -19.10 -11.73
CA ASP A 229 6.76 -19.11 -12.83
C ASP A 229 8.12 -18.50 -12.45
N GLU A 230 8.22 -17.85 -11.29
CA GLU A 230 9.44 -17.18 -10.84
C GLU A 230 9.90 -17.70 -9.49
N PRO A 231 11.19 -17.90 -9.29
CA PRO A 231 11.66 -18.36 -7.99
C PRO A 231 11.55 -17.26 -6.97
N PRO A 232 11.57 -17.62 -5.68
CA PRO A 232 11.56 -16.60 -4.65
C PRO A 232 12.93 -15.95 -4.52
N LEU A 233 12.91 -14.63 -4.42
CA LEU A 233 14.07 -13.83 -4.08
C LEU A 233 13.74 -13.11 -2.78
N ILE A 234 13.54 -13.89 -1.72
CA ILE A 234 12.85 -13.40 -0.53
C ILE A 234 13.70 -12.46 0.31
N ASP A 235 15.02 -12.42 0.12
CA ASP A 235 15.86 -11.42 0.80
C ASP A 235 15.77 -10.04 0.17
N GLN A 236 15.05 -9.84 -0.93
CA GLN A 236 14.78 -8.52 -1.47
C GLN A 236 13.29 -8.19 -1.56
N LEU A 237 12.55 -9.18 -2.05
CA LEU A 237 11.10 -9.09 -2.34
C LEU A 237 10.25 -9.56 -1.17
N GLY A 238 10.84 -9.98 -0.05
CA GLY A 238 10.06 -10.34 1.12
C GLY A 238 9.18 -9.29 1.82
N PHE A 239 8.42 -9.69 2.83
CA PHE A 239 7.92 -8.75 3.81
C PHE A 239 7.93 -9.43 5.17
N GLY A 240 7.89 -8.62 6.23
CA GLY A 240 7.99 -9.15 7.58
C GLY A 240 6.63 -9.38 8.20
N VAL A 241 6.52 -10.48 8.91
CA VAL A 241 5.37 -10.74 9.74
C VAL A 241 5.90 -10.96 11.13
N ALA A 242 5.25 -10.23 12.16
CA ALA A 242 5.74 -10.25 13.50
C ALA A 242 5.01 -11.28 14.33
N PRO A 243 5.65 -11.82 15.36
CA PRO A 243 4.92 -12.68 16.29
C PRO A 243 4.01 -11.86 17.18
N GLY A 244 2.93 -12.49 17.62
CA GLY A 244 1.99 -11.81 18.47
C GLY A 244 0.84 -11.18 17.75
N PHE A 245 0.74 -11.37 16.43
CA PHE A 245 -0.28 -10.76 15.59
C PHE A 245 -0.84 -11.76 14.60
N GLN A 246 -2.10 -11.58 14.26
CA GLN A 246 -2.64 -12.16 13.05
C GLN A 246 -2.48 -11.10 11.99
N THR A 247 -1.71 -11.41 10.94
CA THR A 247 -1.36 -10.47 9.87
C THR A 247 -2.20 -10.82 8.65
N PHE A 248 -3.00 -9.87 8.16
CA PHE A 248 -3.90 -10.11 7.03
C PHE A 248 -3.23 -9.61 5.77
N VAL A 249 -3.32 -10.37 4.70
CA VAL A 249 -2.65 -9.94 3.47
C VAL A 249 -3.71 -9.91 2.37
N SER A 250 -4.27 -8.73 2.07
CA SER A 250 -5.32 -8.62 1.05
C SER A 250 -4.68 -8.40 -0.29
N CYS A 251 -4.90 -9.34 -1.20
CA CYS A 251 -4.17 -9.30 -2.46
C CYS A 251 -5.09 -8.91 -3.59
N GLN A 252 -4.50 -8.30 -4.61
CA GLN A 252 -5.15 -7.92 -5.86
C GLN A 252 -4.28 -8.45 -6.98
N GLU A 253 -4.89 -9.23 -7.88
CA GLU A 253 -4.15 -9.80 -8.99
C GLU A 253 -3.98 -8.79 -10.11
N GLN A 254 -2.75 -8.63 -10.58
CA GLN A 254 -2.49 -7.74 -11.71
C GLN A 254 -1.83 -8.52 -12.83
N ARG A 255 -2.44 -8.49 -14.00
CA ARG A 255 -1.84 -9.09 -15.18
C ARG A 255 -1.43 -7.91 -16.02
N LEU A 256 -0.17 -7.61 -15.97
CA LEU A 256 0.33 -6.58 -16.83
C LEU A 256 0.99 -7.23 -18.05
N ILE A 257 0.72 -6.65 -19.22
CA ILE A 257 1.29 -7.06 -20.49
C ILE A 257 1.91 -5.82 -21.06
N TYR A 258 3.23 -5.78 -21.11
CA TYR A 258 3.98 -4.65 -21.61
C TYR A 258 4.53 -5.06 -22.96
N LEU A 259 5.04 -4.08 -23.74
CA LEU A 259 5.42 -4.13 -25.14
C LEU A 259 6.92 -4.24 -25.34
N PRO A 260 7.31 -4.99 -26.38
CA PRO A 260 8.73 -5.23 -26.68
C PRO A 260 9.40 -3.97 -27.18
N PRO A 261 10.68 -4.05 -27.55
CA PRO A 261 11.26 -3.00 -28.38
C PRO A 261 10.65 -3.01 -29.77
N PRO A 262 10.56 -1.84 -30.45
CA PRO A 262 11.05 -0.48 -30.17
C PRO A 262 10.14 0.34 -29.25
N TRP A 263 8.94 -0.17 -28.97
CA TRP A 263 8.02 0.57 -28.11
C TRP A 263 8.50 0.57 -26.66
N GLY A 264 8.98 -0.59 -26.17
CA GLY A 264 9.40 -0.70 -24.79
C GLY A 264 10.78 -1.32 -24.69
N ASP A 265 11.14 -1.78 -23.49
CA ASP A 265 12.43 -2.44 -23.28
C ASP A 265 12.24 -3.84 -22.74
N CYS A 266 11.08 -4.42 -22.99
CA CYS A 266 10.58 -5.66 -22.44
C CYS A 266 11.33 -6.87 -23.03
N LYS A 267 11.17 -8.03 -22.40
CA LYS A 267 11.79 -9.24 -22.88
C LYS A 267 10.73 -10.32 -23.09
N ALA A 268 10.55 -10.74 -24.35
CA ALA A 268 9.70 -11.88 -24.68
C ALA A 268 10.46 -13.15 -25.07
N THR A 269 11.81 -13.18 -24.96
CA THR A 269 12.62 -14.20 -25.62
C THR A 269 12.67 -15.54 -24.85
N THR A 270 12.68 -15.50 -23.51
CA THR A 270 12.78 -16.72 -22.66
C THR A 270 13.98 -17.61 -23.01
N GLU A 274 19.13 -21.30 -19.26
CA GLU A 274 20.48 -21.28 -18.70
C GLU A 274 20.52 -22.01 -17.36
N PHE A 275 19.85 -21.41 -16.36
CA PHE A 275 19.62 -22.06 -15.07
C PHE A 275 18.15 -22.37 -14.85
N TYR A 276 17.25 -21.70 -15.56
CA TYR A 276 15.81 -21.85 -15.42
C TYR A 276 15.17 -21.93 -16.81
N ASP A 277 13.99 -22.55 -16.88
CA ASP A 277 13.31 -22.69 -18.17
C ASP A 277 12.59 -21.41 -18.58
N THR A 278 12.05 -20.67 -17.61
CA THR A 278 11.21 -19.51 -17.87
C THR A 278 11.89 -18.23 -17.39
N TYR A 279 11.92 -17.22 -18.25
CA TYR A 279 12.51 -15.94 -17.90
C TYR A 279 11.71 -15.26 -16.80
N SER A 280 12.44 -14.61 -15.91
CA SER A 280 11.87 -13.77 -14.86
C SER A 280 13.01 -12.94 -14.29
N ILE A 281 12.68 -11.74 -13.82
CA ILE A 281 13.75 -10.89 -13.30
C ILE A 281 14.53 -11.63 -12.22
N THR A 282 13.82 -12.30 -11.31
CA THR A 282 14.48 -13.04 -10.25
C THR A 282 15.39 -14.12 -10.83
N ALA A 283 14.89 -14.92 -11.77
CA ALA A 283 15.73 -15.97 -12.35
C ALA A 283 16.94 -15.38 -13.04
N CYS A 284 16.80 -14.17 -13.59
CA CYS A 284 17.93 -13.54 -14.25
C CYS A 284 18.94 -13.04 -13.23
N ARG A 285 18.47 -12.49 -12.10
CA ARG A 285 19.37 -11.96 -11.08
C ARG A 285 20.12 -13.06 -10.37
N ILE A 286 19.42 -14.11 -10.02
CA ILE A 286 20.05 -15.25 -9.38
C ILE A 286 21.01 -15.92 -10.35
N ASP A 287 20.66 -15.93 -11.64
CA ASP A 287 21.54 -16.53 -12.64
C ASP A 287 22.82 -15.71 -12.77
N CYS A 288 22.66 -14.41 -13.04
CA CYS A 288 23.80 -13.52 -13.15
C CYS A 288 24.65 -13.48 -11.88
N GLU A 289 24.00 -13.38 -10.72
CA GLU A 289 24.73 -13.38 -9.46
C GLU A 289 25.46 -14.70 -9.25
N THR A 290 24.92 -15.80 -9.80
CA THR A 290 25.56 -17.10 -9.65
C THR A 290 26.77 -17.23 -10.57
N ARG A 291 26.61 -16.89 -11.85
CA ARG A 291 27.73 -17.00 -12.77
C ARG A 291 28.91 -16.19 -12.26
N TYR A 292 28.65 -15.02 -11.69
CA TYR A 292 29.71 -14.18 -11.15
C TYR A 292 30.45 -14.89 -10.05
N LEU A 293 29.72 -15.49 -9.11
CA LEU A 293 30.36 -16.06 -7.93
C LEU A 293 31.15 -17.32 -8.28
N VAL A 294 30.64 -18.12 -9.20
CA VAL A 294 31.35 -19.31 -9.64
C VAL A 294 32.61 -18.94 -10.41
N GLU A 295 32.52 -17.90 -11.25
CA GLU A 295 33.70 -17.47 -12.01
C GLU A 295 34.82 -17.02 -11.09
N ASN A 296 34.48 -16.26 -10.06
CA ASN A 296 35.49 -15.63 -9.22
C ASN A 296 35.92 -16.46 -8.02
N CYS A 297 35.12 -17.42 -7.61
CA CYS A 297 35.53 -18.22 -6.44
C CYS A 297 35.31 -19.71 -6.64
N ASN A 298 34.70 -20.20 -7.72
CA ASN A 298 34.48 -21.65 -7.94
C ASN A 298 33.66 -22.27 -6.82
N CYS A 299 32.53 -21.65 -6.53
CA CYS A 299 31.88 -21.70 -5.23
C CYS A 299 30.51 -21.08 -5.37
N ARG A 300 29.47 -21.74 -4.86
CA ARG A 300 28.13 -21.13 -4.84
C ARG A 300 27.54 -21.15 -3.45
N MET A 301 26.56 -20.28 -3.24
CA MET A 301 25.88 -20.20 -1.97
C MET A 301 24.65 -21.08 -1.98
N VAL A 302 24.08 -21.31 -0.81
CA VAL A 302 23.02 -22.32 -0.70
C VAL A 302 21.80 -21.94 -1.56
N HIS A 303 21.53 -20.64 -1.73
CA HIS A 303 20.34 -20.16 -2.40
C HIS A 303 20.40 -20.17 -3.91
N MET A 304 21.50 -20.62 -4.50
CA MET A 304 21.83 -20.52 -5.92
C MET A 304 21.61 -21.85 -6.63
N PRO A 305 21.17 -21.78 -7.87
CA PRO A 305 20.91 -22.98 -8.65
C PRO A 305 22.22 -23.50 -9.24
N GLY A 306 22.12 -24.61 -9.97
CA GLY A 306 23.22 -25.19 -10.71
C GLY A 306 23.80 -26.43 -10.04
N ASP A 307 25.08 -26.69 -10.37
CA ASP A 307 25.78 -27.86 -9.87
C ASP A 307 27.18 -27.55 -9.29
N ALA A 308 27.54 -26.28 -9.10
CA ALA A 308 28.83 -25.92 -8.53
C ALA A 308 28.93 -26.40 -7.07
N PRO A 309 30.16 -26.60 -6.56
CA PRO A 309 30.31 -26.96 -5.13
C PRO A 309 29.91 -25.85 -4.19
N TYR A 310 29.33 -26.25 -3.06
CA TYR A 310 28.86 -25.27 -2.08
C TYR A 310 30.04 -24.65 -1.33
N CYS A 311 29.93 -23.36 -1.02
CA CYS A 311 31.03 -22.65 -0.37
C CYS A 311 31.29 -23.25 1.00
N THR A 312 32.57 -23.36 1.36
CA THR A 312 32.84 -23.71 2.75
C THR A 312 32.89 -22.46 3.59
N PRO A 313 32.70 -22.58 4.90
CA PRO A 313 32.84 -21.41 5.76
C PRO A 313 34.13 -20.64 5.50
N GLU A 314 35.23 -21.33 5.17
CA GLU A 314 36.45 -20.59 4.84
C GLU A 314 36.30 -19.85 3.51
N GLN A 315 35.73 -20.49 2.50
CA GLN A 315 35.55 -19.84 1.21
C GLN A 315 34.66 -18.60 1.33
N TYR A 316 33.69 -18.61 2.22
CA TYR A 316 32.91 -17.40 2.41
C TYR A 316 33.77 -16.27 2.98
N LYS A 317 34.45 -16.52 4.11
CA LYS A 317 35.27 -15.47 4.70
C LYS A 317 36.33 -14.99 3.71
N GLU A 318 36.99 -15.91 3.03
CA GLU A 318 38.16 -15.57 2.25
C GLU A 318 37.84 -15.14 0.82
N CYS A 319 36.74 -15.61 0.23
CA CYS A 319 36.52 -15.30 -1.18
C CYS A 319 35.14 -14.66 -1.45
N ALA A 320 34.05 -15.34 -1.09
CA ALA A 320 32.72 -14.91 -1.55
C ALA A 320 32.26 -13.62 -0.89
N ASP A 321 32.45 -13.45 0.43
CA ASP A 321 32.05 -12.16 1.01
C ASP A 321 32.81 -11.02 0.36
N PRO A 322 34.15 -11.04 0.22
CA PRO A 322 34.79 -9.99 -0.59
C PRO A 322 34.37 -9.99 -2.06
N ALA A 323 34.14 -11.14 -2.67
CA ALA A 323 33.78 -11.15 -4.09
C ALA A 323 32.41 -10.51 -4.31
N LEU A 324 31.50 -10.71 -3.37
CA LEU A 324 30.17 -10.10 -3.46
C LEU A 324 30.19 -8.63 -3.02
N ASP A 325 30.94 -8.35 -1.97
CA ASP A 325 31.03 -6.97 -1.46
C ASP A 325 31.70 -6.12 -2.53
N PHE A 326 32.42 -6.73 -3.48
CA PHE A 326 33.02 -5.95 -4.56
C PHE A 326 32.09 -5.86 -5.76
N LEU A 327 31.18 -6.81 -5.89
CA LEU A 327 30.20 -6.78 -7.01
C LEU A 327 29.06 -5.85 -6.62
N VAL A 328 28.98 -5.46 -5.35
CA VAL A 328 27.93 -4.55 -4.84
C VAL A 328 28.15 -3.17 -5.42
N GLU A 329 29.41 -2.73 -5.66
CA GLU A 329 29.77 -1.38 -6.10
C GLU A 329 30.20 -1.31 -7.57
N LYS A 330 31.19 -2.10 -7.95
CA LYS A 330 31.89 -1.99 -9.24
C LYS A 330 31.43 -3.10 -10.17
N ASP A 331 30.29 -2.88 -10.84
CA ASP A 331 29.66 -3.90 -11.67
C ASP A 331 28.37 -3.41 -12.33
N ASN A 332 27.23 -3.69 -11.65
CA ASN A 332 25.85 -3.31 -12.00
C ASN A 332 25.40 -3.99 -13.28
N GLU A 333 25.96 -3.55 -14.40
CA GLU A 333 25.52 -3.94 -15.73
C GLU A 333 26.12 -5.26 -16.20
N TYR A 334 26.36 -6.23 -15.30
CA TYR A 334 26.83 -7.55 -15.76
C TYR A 334 25.60 -8.30 -16.24
N CYS A 335 24.46 -7.76 -15.80
CA CYS A 335 23.10 -8.19 -16.08
C CYS A 335 22.22 -7.02 -15.66
N VAL A 336 21.68 -6.33 -16.65
CA VAL A 336 20.39 -5.67 -16.45
C VAL A 336 19.32 -6.73 -16.71
N CYS A 337 18.39 -6.88 -15.77
CA CYS A 337 17.39 -7.92 -15.94
C CYS A 337 16.12 -7.18 -16.30
N GLU A 338 15.75 -7.28 -17.58
CA GLU A 338 14.62 -6.53 -18.08
C GLU A 338 13.36 -7.30 -17.75
N MET A 339 12.24 -6.59 -17.74
CA MET A 339 10.99 -7.20 -17.37
C MET A 339 10.49 -8.12 -18.50
N PRO A 340 9.77 -9.17 -18.19
CA PRO A 340 9.13 -9.95 -19.26
C PRO A 340 7.86 -9.24 -19.69
N CYS A 341 7.30 -9.68 -20.81
CA CYS A 341 6.17 -8.96 -21.36
C CYS A 341 4.86 -9.43 -20.79
N ASN A 342 4.84 -10.65 -20.34
CA ASN A 342 3.68 -11.21 -19.70
C ASN A 342 4.07 -11.48 -18.26
N VAL A 343 3.55 -10.67 -17.37
CA VAL A 343 3.91 -10.64 -15.96
C VAL A 343 2.66 -10.59 -15.11
N THR A 344 2.61 -11.44 -14.09
CA THR A 344 1.55 -11.41 -13.10
C THR A 344 2.11 -10.93 -11.78
N ARG A 345 1.60 -9.82 -11.29
CA ARG A 345 2.00 -9.24 -10.02
C ARG A 345 0.88 -9.40 -9.02
N TYR A 346 1.21 -9.48 -7.73
CA TYR A 346 0.22 -9.57 -6.66
C TYR A 346 0.38 -8.35 -5.77
N GLY A 347 -0.62 -7.46 -5.79
CA GLY A 347 -0.63 -6.36 -4.85
C GLY A 347 -1.08 -6.84 -3.49
N LYS A 348 -0.55 -6.24 -2.44
CA LYS A 348 -0.88 -6.72 -1.11
C LYS A 348 -1.05 -5.53 -0.18
N GLU A 349 -2.09 -5.62 0.66
CA GLU A 349 -2.40 -4.64 1.69
C GLU A 349 -2.35 -5.33 3.04
N LEU A 350 -1.39 -4.91 3.87
CA LEU A 350 -1.11 -5.58 5.14
C LEU A 350 -1.89 -4.93 6.27
N SER A 351 -2.38 -5.77 7.17
CA SER A 351 -3.20 -5.36 8.30
C SER A 351 -2.97 -6.33 9.47
N MET A 352 -3.28 -5.89 10.69
CA MET A 352 -3.02 -6.86 11.74
C MET A 352 -3.85 -6.59 12.98
N VAL A 353 -4.16 -7.67 13.70
CA VAL A 353 -4.80 -7.64 15.01
C VAL A 353 -4.00 -8.55 15.93
N LYS A 354 -4.29 -8.46 17.23
CA LYS A 354 -3.48 -9.15 18.21
C LYS A 354 -3.92 -10.60 18.37
N ILE A 355 -2.96 -11.50 18.50
CA ILE A 355 -3.29 -12.88 18.79
C ILE A 355 -2.35 -13.25 19.94
N PRO A 356 -2.82 -13.92 21.02
CA PRO A 356 -4.21 -14.33 21.30
C PRO A 356 -5.00 -13.36 22.18
N SER A 357 -6.31 -13.48 22.07
CA SER A 357 -7.23 -12.79 22.95
C SER A 357 -7.06 -13.30 24.37
N LYS A 358 -7.47 -12.50 25.36
CA LYS A 358 -7.41 -12.97 26.74
C LYS A 358 -8.19 -14.28 26.92
N ALA A 359 -9.33 -14.42 26.22
CA ALA A 359 -10.11 -15.65 26.30
C ALA A 359 -9.41 -16.86 25.65
N SER A 360 -8.65 -16.66 24.57
CA SER A 360 -8.11 -17.80 23.87
C SER A 360 -6.65 -18.09 24.20
N ALA A 361 -6.01 -17.29 25.04
CA ALA A 361 -4.60 -17.54 25.33
C ALA A 361 -4.46 -18.85 26.09
N LYS A 362 -5.31 -19.05 27.09
CA LYS A 362 -5.25 -20.23 27.94
C LYS A 362 -5.53 -21.48 27.11
N TYR A 363 -6.46 -21.38 26.17
CA TYR A 363 -6.74 -22.52 25.30
C TYR A 363 -5.54 -22.84 24.42
N LEU A 364 -4.88 -21.80 23.87
CA LEU A 364 -3.76 -22.03 22.96
C LEU A 364 -2.54 -22.63 23.67
N ALA A 365 -2.29 -22.24 24.93
CA ALA A 365 -1.20 -22.83 25.69
C ALA A 365 -1.42 -24.32 25.89
N LYS A 366 -2.62 -24.68 26.38
CA LYS A 366 -3.02 -26.08 26.52
C LYS A 366 -2.87 -26.86 25.23
N LYS A 367 -3.22 -26.26 24.10
CA LYS A 367 -3.30 -27.04 22.86
C LYS A 367 -1.92 -27.58 22.44
N TYR A 368 -0.85 -26.84 22.76
CA TYR A 368 0.47 -27.12 22.21
C TYR A 368 1.53 -27.41 23.27
N ASN A 369 1.12 -27.68 24.51
CA ASN A 369 2.04 -27.94 25.63
C ASN A 369 3.10 -26.84 25.70
N LYS A 370 2.63 -25.59 25.73
CA LYS A 370 3.54 -24.46 25.77
C LYS A 370 3.07 -23.44 26.79
N SER A 371 4.00 -22.60 27.23
CA SER A 371 3.74 -21.57 28.23
C SER A 371 2.88 -20.45 27.63
N GLU A 372 2.20 -19.67 28.49
CA GLU A 372 1.52 -18.49 27.96
C GLU A 372 2.50 -17.43 27.52
N GLN A 373 3.64 -17.32 28.19
CA GLN A 373 4.65 -16.37 27.77
C GLN A 373 5.21 -16.73 26.41
N TYR A 374 5.38 -18.03 26.16
CA TYR A 374 5.92 -18.50 24.89
C TYR A 374 5.03 -18.10 23.73
N ILE A 375 3.72 -18.34 23.85
CA ILE A 375 2.81 -18.09 22.73
C ILE A 375 2.91 -16.65 22.24
N GLY A 376 2.86 -15.68 23.17
CA GLY A 376 2.96 -14.29 22.76
C GLY A 376 4.32 -13.90 22.24
N GLU A 377 5.33 -14.74 22.49
CA GLU A 377 6.66 -14.51 21.95
C GLU A 377 6.87 -15.22 20.63
N ASN A 378 6.12 -16.27 20.32
CA ASN A 378 6.46 -17.14 19.20
C ASN A 378 5.39 -17.40 18.16
N ILE A 379 4.14 -17.05 18.42
CA ILE A 379 3.04 -17.47 17.56
C ILE A 379 2.68 -16.30 16.66
N LEU A 380 2.58 -16.58 15.36
CA LEU A 380 2.00 -15.64 14.42
C LEU A 380 0.97 -16.37 13.59
N VAL A 381 -0.07 -15.65 13.14
CA VAL A 381 -1.06 -16.17 12.19
C VAL A 381 -0.98 -15.34 10.93
N LEU A 382 -0.70 -16.03 9.83
CA LEU A 382 -0.58 -15.43 8.52
C LEU A 382 -1.85 -15.73 7.75
N ASP A 383 -2.48 -14.70 7.19
CA ASP A 383 -3.79 -14.80 6.54
C ASP A 383 -3.71 -14.18 5.15
N ILE A 384 -3.53 -15.01 4.13
CA ILE A 384 -3.30 -14.54 2.77
C ILE A 384 -4.55 -14.89 1.98
N PHE A 385 -5.10 -13.92 1.27
CA PHE A 385 -6.35 -14.09 0.56
C PHE A 385 -6.43 -12.97 -0.47
N PHE A 386 -7.45 -13.05 -1.32
CA PHE A 386 -7.74 -12.02 -2.31
C PHE A 386 -8.80 -11.05 -1.79
N GLU A 387 -8.58 -9.74 -2.03
CA GLU A 387 -9.58 -8.73 -1.66
C GLU A 387 -10.95 -9.13 -2.19
N ALA A 388 -11.00 -9.46 -3.48
CA ALA A 388 -12.23 -9.87 -4.14
C ALA A 388 -11.88 -10.63 -5.40
N LEU A 389 -12.90 -11.24 -5.98
CA LEU A 389 -12.72 -12.18 -7.07
C LEU A 389 -12.68 -11.40 -8.40
N ASN A 390 -11.50 -10.84 -8.71
CA ASN A 390 -11.25 -10.11 -9.95
C ASN A 390 -9.74 -9.90 -10.14
N TYR A 391 -9.37 -9.45 -11.33
CA TYR A 391 -7.99 -9.05 -11.54
C TYR A 391 -7.86 -7.82 -12.40
N GLU A 392 -6.99 -6.89 -12.01
CA GLU A 392 -6.69 -5.73 -12.82
C GLU A 392 -5.71 -6.10 -13.93
N THR A 393 -5.80 -5.38 -15.04
CA THR A 393 -4.89 -5.59 -16.15
C THR A 393 -4.32 -4.25 -16.56
N ILE A 394 -3.01 -4.16 -16.56
CA ILE A 394 -2.30 -2.95 -16.94
C ILE A 394 -1.60 -3.29 -18.24
N GLU A 395 -2.01 -2.66 -19.33
CA GLU A 395 -1.66 -3.09 -20.67
C GLU A 395 -1.14 -1.93 -21.51
N GLN A 396 0.06 -2.11 -22.08
CA GLN A 396 0.64 -1.14 -23.03
C GLN A 396 0.12 -1.40 -24.45
N LYS A 397 -0.49 -0.37 -25.06
CA LYS A 397 -1.06 -0.42 -26.39
C LYS A 397 -0.28 0.54 -27.27
N LYS A 398 -0.08 0.20 -28.54
CA LYS A 398 0.62 1.11 -29.45
C LYS A 398 -0.28 2.30 -29.80
N ALA A 399 0.28 3.50 -29.74
CA ALA A 399 -0.49 4.72 -29.92
C ALA A 399 -0.66 5.08 -31.40
N TYR A 400 0.32 4.75 -32.22
CA TYR A 400 0.33 5.19 -33.61
C TYR A 400 0.89 4.07 -34.50
N GLU A 401 -0.03 3.26 -35.04
CA GLU A 401 0.29 2.16 -35.95
C GLU A 401 0.62 2.71 -37.35
N VAL A 402 1.03 1.81 -38.26
CA VAL A 402 1.39 2.24 -39.62
C VAL A 402 0.13 2.58 -40.41
N ALA A 403 -0.93 1.78 -40.23
CA ALA A 403 -2.21 2.06 -40.86
C ALA A 403 -2.68 3.47 -40.55
N GLY A 404 -2.52 3.89 -39.29
CA GLY A 404 -2.96 5.22 -38.93
C GLY A 404 -2.02 6.29 -39.42
N LEU A 405 -0.76 5.95 -39.63
CA LEU A 405 0.17 6.90 -40.24
C LEU A 405 -0.36 7.30 -41.61
N LEU A 406 -0.66 6.29 -42.45
CA LEU A 406 -1.07 6.52 -43.83
C LEU A 406 -2.36 7.33 -43.88
N GLY A 407 -3.35 6.96 -43.07
CA GLY A 407 -4.53 7.81 -42.92
C GLY A 407 -4.19 9.25 -42.60
N ASP A 408 -3.18 9.48 -41.75
CA ASP A 408 -2.86 10.87 -41.41
C ASP A 408 -2.11 11.60 -42.53
N ILE A 409 -1.12 10.97 -43.17
CA ILE A 409 -0.42 11.67 -44.25
C ILE A 409 -1.30 11.74 -45.51
N GLY A 410 -1.99 10.66 -45.84
CA GLY A 410 -2.90 10.70 -46.98
C GLY A 410 -3.94 11.80 -46.90
N GLY A 411 -4.50 12.02 -45.70
CA GLY A 411 -5.44 13.11 -45.53
C GLY A 411 -4.79 14.47 -45.66
N GLN A 412 -3.55 14.62 -45.21
CA GLN A 412 -2.85 15.88 -45.38
C GLN A 412 -2.51 16.12 -46.84
N MET A 413 -2.12 15.07 -47.55
CA MET A 413 -1.98 15.17 -49.00
C MET A 413 -3.31 15.57 -49.62
N GLY A 414 -4.35 14.78 -49.37
CA GLY A 414 -5.69 15.09 -49.88
C GLY A 414 -6.34 16.32 -49.27
N LEU A 415 -5.54 17.20 -48.67
CA LEU A 415 -6.04 18.42 -48.05
C LEU A 415 -5.22 19.60 -48.54
N PHE A 416 -3.91 19.56 -48.35
CA PHE A 416 -3.05 20.66 -48.80
C PHE A 416 -2.90 20.67 -50.32
N ILE A 417 -3.04 19.51 -50.93
CA ILE A 417 -2.96 19.26 -52.36
C ILE A 417 -4.16 18.40 -52.71
N GLY A 418 -4.26 18.00 -53.96
CA GLY A 418 -5.28 17.02 -54.28
C GLY A 418 -4.59 15.69 -54.42
N ALA A 419 -3.37 15.62 -53.88
CA ALA A 419 -2.40 14.62 -54.30
C ALA A 419 -2.72 13.22 -53.79
N SER A 420 -2.39 12.23 -54.61
CA SER A 420 -2.32 10.81 -54.26
C SER A 420 -0.86 10.32 -54.40
N ILE A 421 -0.63 9.03 -54.11
CA ILE A 421 0.71 8.48 -54.31
C ILE A 421 0.98 8.32 -55.80
N LEU A 422 -0.06 8.03 -56.58
CA LEU A 422 0.10 7.94 -58.02
C LEU A 422 0.42 9.31 -58.63
N THR A 423 -0.20 10.37 -58.11
CA THR A 423 0.06 11.72 -58.59
C THR A 423 1.54 12.09 -58.45
N VAL A 424 2.16 11.72 -57.33
CA VAL A 424 3.58 12.03 -57.14
C VAL A 424 4.44 11.19 -58.08
N LEU A 425 3.91 10.06 -58.59
CA LEU A 425 4.65 9.25 -59.54
C LEU A 425 4.65 9.84 -60.97
N GLU A 426 3.64 10.64 -61.32
CA GLU A 426 3.64 11.31 -62.63
C GLU A 426 4.71 12.39 -62.71
N LEU A 427 5.00 13.06 -61.59
CA LEU A 427 5.94 14.16 -61.50
C LEU A 427 7.39 13.74 -61.64
N PHE A 428 7.68 12.45 -61.79
CA PHE A 428 9.07 12.03 -61.98
C PHE A 428 9.50 12.12 -63.45
N ASP A 429 8.56 11.99 -64.39
CA ASP A 429 8.83 12.18 -65.82
C ASP A 429 9.34 13.59 -66.17
N SER B 16 -35.26 15.03 -63.28
CA SER B 16 -34.25 14.04 -63.71
C SER B 16 -33.91 13.08 -62.56
N LEU B 17 -34.25 11.79 -62.69
CA LEU B 17 -34.13 10.88 -61.54
C LEU B 17 -32.69 10.77 -61.05
N LYS B 18 -31.72 10.68 -61.97
CA LYS B 18 -30.33 10.48 -61.55
C LYS B 18 -29.78 11.75 -60.91
N ARG B 19 -29.81 12.90 -61.64
CA ARG B 19 -29.32 14.10 -60.97
C ARG B 19 -30.27 14.52 -59.69
N VAL B 20 -31.25 13.70 -59.28
CA VAL B 20 -31.88 13.82 -57.97
C VAL B 20 -31.22 12.83 -57.02
N VAL B 21 -31.39 11.53 -57.27
CA VAL B 21 -30.68 10.51 -56.49
C VAL B 21 -29.21 10.87 -56.31
N TRP B 22 -28.61 11.51 -57.30
CA TRP B 22 -27.25 12.01 -57.14
C TRP B 22 -27.19 13.11 -56.08
N ALA B 23 -27.83 14.25 -56.33
CA ALA B 23 -27.79 15.34 -55.36
C ALA B 23 -28.58 15.06 -54.09
N LEU B 24 -29.52 14.10 -54.14
CA LEU B 24 -30.18 13.64 -52.92
C LEU B 24 -29.16 13.13 -51.93
N CYS B 25 -28.37 12.14 -52.35
CA CYS B 25 -27.44 11.48 -51.45
C CYS B 25 -26.09 12.21 -51.38
N PHE B 26 -25.87 13.23 -52.21
CA PHE B 26 -24.71 14.10 -52.01
C PHE B 26 -24.97 15.15 -50.94
N MET B 27 -26.19 15.68 -50.86
CA MET B 27 -26.48 16.64 -49.79
C MET B 27 -26.41 15.97 -48.42
N GLY B 28 -26.86 14.71 -48.30
CA GLY B 28 -26.62 13.96 -47.08
C GLY B 28 -25.14 13.88 -46.77
N SER B 29 -24.33 13.55 -47.79
CA SER B 29 -22.89 13.44 -47.62
C SER B 29 -22.22 14.76 -47.23
N LEU B 30 -22.74 15.90 -47.68
CA LEU B 30 -22.10 17.13 -47.21
C LEU B 30 -22.53 17.44 -45.78
N ALA B 31 -23.80 17.20 -45.45
CA ALA B 31 -24.21 17.32 -44.06
C ALA B 31 -23.40 16.38 -43.18
N LEU B 32 -23.12 15.16 -43.68
CA LEU B 32 -22.32 14.21 -42.92
C LEU B 32 -20.89 14.70 -42.72
N LEU B 33 -20.24 15.19 -43.77
CA LEU B 33 -18.91 15.75 -43.59
C LEU B 33 -18.96 16.94 -42.65
N ALA B 34 -19.97 17.79 -42.81
CA ALA B 34 -20.12 18.87 -41.84
C ALA B 34 -20.25 18.30 -40.44
N LEU B 35 -20.91 17.15 -40.31
CA LEU B 35 -21.20 16.62 -38.98
C LEU B 35 -19.93 16.07 -38.33
N VAL B 36 -19.28 15.13 -39.02
CA VAL B 36 -18.08 14.45 -38.53
C VAL B 36 -16.90 15.41 -38.37
N CYS B 37 -16.77 16.40 -39.25
CA CYS B 37 -15.68 17.36 -39.08
C CYS B 37 -15.91 18.26 -37.85
N THR B 38 -17.16 18.53 -37.50
CA THR B 38 -17.43 19.28 -36.27
C THR B 38 -17.06 18.47 -35.03
N ASN B 39 -17.24 17.16 -35.10
CA ASN B 39 -16.91 16.29 -33.97
C ASN B 39 -15.41 16.34 -33.64
N ARG B 40 -14.54 16.19 -34.65
CA ARG B 40 -13.09 16.24 -34.47
C ARG B 40 -12.55 17.64 -34.16
N ILE B 41 -13.29 18.70 -34.44
CA ILE B 41 -12.83 20.03 -34.00
C ILE B 41 -13.27 20.26 -32.56
N GLN B 42 -14.43 19.73 -32.17
CA GLN B 42 -14.87 19.86 -30.79
C GLN B 42 -13.99 19.05 -29.85
N TYR B 43 -13.70 17.79 -30.20
CA TYR B 43 -12.79 16.96 -29.42
C TYR B 43 -11.45 17.66 -29.22
N TYR B 44 -10.84 18.15 -30.32
CA TYR B 44 -9.56 18.83 -30.20
C TYR B 44 -9.62 19.99 -29.20
N PHE B 45 -10.74 20.70 -29.15
CA PHE B 45 -10.75 21.87 -28.29
C PHE B 45 -10.98 21.53 -26.83
N LEU B 46 -11.43 20.31 -26.52
CA LEU B 46 -11.35 19.79 -25.16
C LEU B 46 -9.90 19.56 -24.71
N TYR B 47 -8.94 19.64 -25.61
CA TYR B 47 -7.54 19.40 -25.31
C TYR B 47 -7.28 18.11 -24.54
N PRO B 48 -7.63 16.97 -25.11
CA PRO B 48 -7.53 15.70 -24.40
C PRO B 48 -6.08 15.24 -24.20
N HIS B 49 -5.88 14.47 -23.11
CA HIS B 49 -4.65 13.73 -22.84
C HIS B 49 -5.00 12.32 -22.37
N VAL B 50 -4.08 11.38 -22.60
CA VAL B 50 -4.13 10.03 -22.03
C VAL B 50 -2.80 9.77 -21.33
N THR B 51 -2.73 8.65 -20.63
CA THR B 51 -1.65 8.36 -19.70
C THR B 51 -0.77 7.24 -20.24
N LYS B 52 0.54 7.37 -20.07
CA LYS B 52 1.50 6.35 -20.50
C LYS B 52 2.25 5.82 -19.27
N LEU B 53 1.88 4.62 -18.80
CA LEU B 53 2.60 3.97 -17.70
C LEU B 53 3.75 3.15 -18.26
N ASP B 54 4.94 3.34 -17.71
CA ASP B 54 6.09 2.54 -18.11
C ASP B 54 6.99 2.35 -16.90
N GLU B 55 7.78 1.29 -16.96
CA GLU B 55 8.77 0.92 -15.96
C GLU B 55 10.08 0.62 -16.65
N VAL B 56 11.18 1.18 -16.15
CA VAL B 56 12.47 1.06 -16.82
C VAL B 56 13.51 0.53 -15.84
N ALA B 57 14.38 -0.36 -16.34
CA ALA B 57 15.40 -0.94 -15.46
C ALA B 57 16.51 0.08 -15.22
N ALA B 58 17.21 -0.06 -14.11
CA ALA B 58 18.26 0.88 -13.76
C ALA B 58 19.38 0.11 -13.08
N THR B 59 20.57 0.72 -13.09
CA THR B 59 21.75 0.18 -12.43
C THR B 59 22.03 0.85 -11.08
N ARG B 60 21.73 2.13 -10.97
CA ARG B 60 21.72 2.85 -9.70
C ARG B 60 20.35 3.48 -9.52
N LEU B 61 20.11 4.03 -8.34
CA LEU B 61 18.90 4.79 -8.01
C LEU B 61 19.26 5.76 -6.91
N THR B 62 18.99 7.03 -7.11
CA THR B 62 19.33 7.98 -6.07
C THR B 62 18.45 7.75 -4.85
N PHE B 63 19.09 7.60 -3.71
CA PHE B 63 18.31 7.37 -2.52
C PHE B 63 17.58 8.65 -2.14
N PRO B 64 16.36 8.54 -1.59
CA PRO B 64 15.59 9.75 -1.24
C PRO B 64 16.09 10.48 0.00
N ALA B 65 15.42 11.58 0.32
CA ALA B 65 15.58 12.18 1.64
C ALA B 65 14.62 11.49 2.59
N VAL B 66 15.04 11.37 3.85
CA VAL B 66 14.28 10.72 4.91
C VAL B 66 14.26 11.69 6.08
N THR B 67 13.09 12.19 6.40
CA THR B 67 12.94 13.10 7.53
C THR B 67 12.19 12.38 8.64
N PHE B 68 12.73 12.43 9.86
CA PHE B 68 12.06 11.76 10.97
C PHE B 68 12.06 12.66 12.18
N CYS B 69 11.07 12.44 13.02
CA CYS B 69 10.84 13.21 14.23
C CYS B 69 10.60 12.28 15.40
N ASN B 70 11.05 12.68 16.56
CA ASN B 70 10.47 12.10 17.77
C ASN B 70 9.06 12.63 17.92
N LEU B 71 8.13 11.77 18.34
CA LEU B 71 6.78 12.28 18.53
C LEU B 71 6.74 13.34 19.62
N ASN B 72 7.70 13.31 20.54
CA ASN B 72 7.85 14.30 21.60
C ASN B 72 8.77 15.43 21.18
N GLU B 73 8.39 16.65 21.54
CA GLU B 73 9.01 17.89 21.04
C GLU B 73 10.16 18.38 21.90
N PHE B 74 10.01 18.35 23.23
CA PHE B 74 10.96 18.91 24.19
C PHE B 74 11.34 17.87 25.24
N ARG B 75 12.63 17.69 25.47
CA ARG B 75 13.10 16.75 26.47
C ARG B 75 12.78 17.29 27.87
N PHE B 76 12.12 16.47 28.70
CA PHE B 76 11.71 16.89 30.04
C PHE B 76 12.89 17.39 30.87
N SER B 77 14.07 16.75 30.72
CA SER B 77 15.23 17.12 31.51
C SER B 77 15.84 18.44 31.05
N ARG B 78 15.67 18.82 29.78
CA ARG B 78 16.28 20.01 29.19
C ARG B 78 15.52 21.29 29.46
N VAL B 79 14.35 21.18 30.08
CA VAL B 79 13.56 22.33 30.49
C VAL B 79 14.25 23.01 31.67
N THR B 80 14.56 24.30 31.52
CA THR B 80 15.15 25.08 32.61
C THR B 80 14.04 25.79 33.36
N LYS B 81 14.40 26.37 34.52
CA LYS B 81 13.45 27.19 35.26
C LYS B 81 12.93 28.32 34.39
N ASN B 82 13.84 28.96 33.63
CA ASN B 82 13.46 30.05 32.75
C ASN B 82 12.48 29.57 31.69
N ASP B 83 12.73 28.40 31.10
CA ASP B 83 11.81 27.83 30.11
C ASP B 83 10.42 27.66 30.69
N LEU B 84 10.33 27.15 31.92
CA LEU B 84 9.04 26.85 32.50
C LEU B 84 8.22 28.09 32.84
N TYR B 85 8.87 29.19 33.23
CA TYR B 85 8.11 30.40 33.54
C TYR B 85 7.34 30.88 32.32
N HIS B 86 7.96 30.84 31.14
CA HIS B 86 7.36 31.42 29.96
C HIS B 86 6.42 30.47 29.24
N ALA B 87 6.70 29.17 29.27
CA ALA B 87 6.00 28.21 28.41
C ALA B 87 5.10 27.23 29.13
N GLY B 88 5.02 27.29 30.45
CA GLY B 88 4.27 26.26 31.17
C GLY B 88 2.80 26.22 30.83
N GLU B 89 2.15 27.39 30.84
CA GLU B 89 0.72 27.42 30.50
C GLU B 89 0.53 26.95 29.06
N LEU B 90 1.50 27.27 28.19
CA LEU B 90 1.48 26.81 26.79
C LEU B 90 1.55 25.29 26.68
N LEU B 91 2.29 24.64 27.60
CA LEU B 91 2.56 23.21 27.49
C LEU B 91 1.72 22.36 28.43
N ALA B 92 0.68 22.93 29.04
CA ALA B 92 -0.16 22.21 29.99
C ALA B 92 0.65 21.67 31.17
N LEU B 93 1.66 22.42 31.61
CA LEU B 93 2.36 22.15 32.86
C LEU B 93 2.06 23.15 33.97
N LEU B 94 1.35 24.25 33.67
CA LEU B 94 0.90 25.23 34.65
C LEU B 94 -0.48 25.75 34.26
N ASN B 95 -1.38 25.90 35.23
CA ASN B 95 -2.63 26.58 34.92
C ASN B 95 -2.43 28.10 34.97
N ASN B 96 -3.44 28.85 34.50
CA ASN B 96 -3.27 30.29 34.24
C ASN B 96 -3.01 31.13 35.48
N ARG B 97 -2.96 30.49 36.65
CA ARG B 97 -2.47 31.10 37.86
C ARG B 97 -1.00 30.76 38.16
N TYR B 98 -0.33 30.02 37.26
CA TYR B 98 1.11 29.71 37.31
C TYR B 98 1.51 28.69 38.39
N GLU B 99 0.66 27.73 38.74
CA GLU B 99 1.07 26.69 39.68
C GLU B 99 0.69 25.30 39.12
N ILE B 100 1.31 24.27 39.71
CA ILE B 100 1.14 22.88 39.28
C ILE B 100 -0.18 22.33 39.80
N PRO B 101 -0.95 21.61 38.96
CA PRO B 101 -2.23 21.04 39.41
C PRO B 101 -2.14 19.97 40.49
N ASP B 102 -0.96 19.38 40.75
CA ASP B 102 -0.80 18.32 41.78
C ASP B 102 -1.78 17.15 41.58
N THR B 103 -2.16 16.86 40.33
CA THR B 103 -3.06 15.75 40.03
C THR B 103 -2.41 14.43 40.44
N GLN B 104 -3.22 13.56 41.08
CA GLN B 104 -2.74 12.27 41.60
C GLN B 104 -2.30 11.32 40.50
N THR B 105 -2.43 11.77 39.25
CA THR B 105 -1.80 11.13 38.10
C THR B 105 -0.43 11.74 37.92
N ALA B 106 0.62 10.97 38.17
CA ALA B 106 1.97 11.51 38.08
C ALA B 106 2.97 10.41 38.34
N ASP B 107 4.17 10.62 37.80
CA ASP B 107 5.35 9.93 38.29
C ASP B 107 5.87 10.71 39.48
N GLU B 108 6.16 10.02 40.59
CA GLU B 108 6.52 10.74 41.81
C GLU B 108 7.77 11.58 41.57
N LYS B 109 8.80 10.95 40.96
CA LYS B 109 10.09 11.59 40.75
C LYS B 109 10.02 12.78 39.82
N GLN B 110 9.19 12.69 38.77
CA GLN B 110 9.05 13.79 37.82
C GLN B 110 8.31 14.96 38.43
N LEU B 111 7.26 14.67 39.21
CA LEU B 111 6.52 15.76 39.84
C LEU B 111 7.35 16.43 40.92
N GLU B 112 8.31 15.72 41.50
CA GLU B 112 9.30 16.33 42.38
C GLU B 112 10.22 17.23 41.59
N ILE B 113 10.73 16.75 40.45
CA ILE B 113 11.59 17.56 39.60
C ILE B 113 10.86 18.81 39.15
N LEU B 114 9.55 18.70 38.89
CA LEU B 114 8.83 19.84 38.35
C LEU B 114 8.55 20.90 39.41
N GLN B 115 7.97 20.49 40.55
CA GLN B 115 7.68 21.46 41.61
C GLN B 115 8.93 22.17 42.08
N ASP B 116 10.06 21.46 42.04
CA ASP B 116 11.34 22.09 42.34
C ASP B 116 11.60 23.21 41.33
N LYS B 117 11.62 22.86 40.04
CA LYS B 117 11.86 23.86 39.00
C LYS B 117 10.72 24.88 38.88
N ALA B 118 9.52 24.56 39.39
CA ALA B 118 8.34 25.40 39.20
C ALA B 118 8.06 26.32 40.39
N ASN B 119 8.98 26.41 41.36
CA ASN B 119 8.83 27.28 42.52
C ASN B 119 9.46 28.63 42.16
N PHE B 120 8.62 29.68 42.03
CA PHE B 120 9.03 30.98 41.49
C PHE B 120 9.34 32.02 42.58
N ARG B 121 9.64 31.60 43.80
CA ARG B 121 10.00 32.55 44.85
C ARG B 121 11.27 33.31 44.51
N ASN B 122 11.18 34.65 44.44
CA ASN B 122 12.34 35.50 44.22
C ASN B 122 12.98 35.22 42.85
N PHE B 123 12.14 34.97 41.84
CA PHE B 123 12.61 34.59 40.52
C PHE B 123 12.72 35.81 39.62
N LYS B 124 13.90 35.97 38.99
CA LYS B 124 14.15 37.03 38.03
C LYS B 124 13.98 36.46 36.63
N PRO B 125 12.89 36.79 35.93
CA PRO B 125 12.73 36.26 34.56
C PRO B 125 13.85 36.70 33.65
N LYS B 126 14.31 35.76 32.85
CA LYS B 126 15.42 35.85 31.92
C LYS B 126 14.88 35.90 30.49
N PRO B 127 15.69 36.33 29.51
CA PRO B 127 15.22 36.33 28.11
C PRO B 127 14.88 34.91 27.67
N PHE B 128 14.08 34.80 26.62
CA PHE B 128 13.56 33.49 26.21
C PHE B 128 13.15 33.51 24.74
N ASN B 129 13.48 32.44 24.02
CA ASN B 129 13.16 32.33 22.59
C ASN B 129 12.70 30.91 22.26
N MET B 130 11.71 30.82 21.37
CA MET B 130 11.11 29.53 21.06
C MET B 130 11.99 28.70 20.13
N LEU B 131 12.73 29.31 19.21
CA LEU B 131 13.67 28.50 18.46
C LEU B 131 14.74 27.95 19.39
N GLU B 132 15.25 28.78 20.30
CA GLU B 132 16.25 28.29 21.24
C GLU B 132 15.67 27.16 22.09
N PHE B 133 14.43 27.31 22.53
CA PHE B 133 13.81 26.24 23.29
C PHE B 133 13.70 24.98 22.43
N TYR B 134 13.12 25.13 21.23
CA TYR B 134 13.01 24.00 20.33
C TYR B 134 14.36 23.39 20.04
N ASP B 135 15.39 24.22 19.84
CA ASP B 135 16.70 23.68 19.49
C ASP B 135 17.35 22.97 20.67
N ARG B 136 17.27 23.57 21.85
CA ARG B 136 18.02 23.06 23.00
C ARG B 136 17.26 21.93 23.69
N ALA B 137 15.94 22.11 23.88
CA ALA B 137 15.09 21.11 24.49
C ALA B 137 14.75 19.95 23.55
N GLY B 138 14.90 20.15 22.23
CA GLY B 138 14.62 19.10 21.27
C GLY B 138 15.53 17.89 21.46
N HIS B 139 15.05 16.73 21.00
CA HIS B 139 15.81 15.51 21.09
C HIS B 139 17.04 15.59 20.21
N ASP B 140 18.17 15.13 20.72
CA ASP B 140 19.45 15.25 20.02
C ASP B 140 19.65 14.01 19.16
N ILE B 141 19.88 14.18 17.86
CA ILE B 141 20.17 12.99 17.08
C ILE B 141 21.37 12.28 17.65
N ARG B 142 22.24 12.99 18.38
CA ARG B 142 23.49 12.37 18.82
C ARG B 142 23.22 11.26 19.83
N GLU B 143 22.15 11.40 20.63
CA GLU B 143 21.75 10.40 21.62
C GLU B 143 20.58 9.50 21.18
N MET B 144 19.77 9.91 20.19
CA MET B 144 18.71 9.03 19.67
C MET B 144 19.25 7.99 18.68
N LEU B 145 20.37 8.27 18.02
CA LEU B 145 20.82 7.45 16.91
C LEU B 145 21.74 6.40 17.48
N LEU B 146 21.14 5.35 18.02
CA LEU B 146 21.96 4.28 18.58
C LEU B 146 22.82 3.60 17.52
N SER B 147 22.39 3.56 16.27
CA SER B 147 23.11 2.83 15.25
C SER B 147 22.63 3.34 13.91
N CYS B 148 23.51 3.30 12.92
CA CYS B 148 23.19 3.88 11.63
C CYS B 148 24.06 3.18 10.59
N PHE B 149 23.42 2.71 9.53
CA PHE B 149 24.16 2.07 8.46
C PHE B 149 23.48 2.44 7.15
N PHE B 150 24.28 2.81 6.16
CA PHE B 150 23.77 3.08 4.82
C PHE B 150 24.54 2.18 3.85
N ARG B 151 23.82 1.31 3.17
CA ARG B 151 24.41 0.33 2.28
C ARG B 151 25.47 -0.52 2.98
N GLY B 152 25.24 -0.86 4.24
CA GLY B 152 26.15 -1.73 4.95
C GLY B 152 27.39 -1.07 5.51
N GLU B 153 27.66 0.17 5.12
CA GLU B 153 28.68 1.03 5.70
C GLU B 153 28.07 1.90 6.80
N GLN B 154 28.91 2.36 7.72
CA GLN B 154 28.42 3.08 8.89
C GLN B 154 28.06 4.54 8.56
N CYS B 155 27.22 5.16 9.39
CA CYS B 155 26.93 6.59 9.28
C CYS B 155 26.85 7.20 10.67
N SER B 156 26.86 8.54 10.74
CA SER B 156 27.01 9.24 12.00
C SER B 156 26.04 10.40 12.07
N PRO B 157 25.79 10.96 13.27
CA PRO B 157 24.84 12.08 13.36
C PRO B 157 25.24 13.25 12.51
N GLU B 158 26.46 13.23 11.99
CA GLU B 158 26.87 14.29 11.09
C GLU B 158 26.07 14.23 9.79
N ASP B 159 25.61 13.03 9.41
CA ASP B 159 24.91 12.79 8.15
C ASP B 159 23.47 13.20 8.17
N PHE B 160 22.99 13.69 9.29
CA PHE B 160 21.62 14.16 9.45
C PHE B 160 21.66 15.67 9.56
N LYS B 161 20.89 16.34 8.71
CA LYS B 161 20.73 17.78 8.77
C LYS B 161 19.49 18.11 9.59
N VAL B 162 19.62 19.12 10.45
CA VAL B 162 18.52 19.53 11.32
C VAL B 162 17.50 20.32 10.52
N VAL B 163 16.23 20.11 10.83
CA VAL B 163 15.10 20.80 10.21
C VAL B 163 13.99 21.05 11.26
N PHE B 164 13.36 22.22 11.22
CA PHE B 164 12.31 22.51 12.20
C PHE B 164 10.93 22.32 11.60
N THR B 165 10.14 21.44 12.20
CA THR B 165 8.82 21.06 11.74
C THR B 165 7.89 21.29 12.90
N ARG B 166 6.59 21.08 12.71
CA ARG B 166 5.69 21.26 13.84
C ARG B 166 5.99 20.26 14.97
N TYR B 167 6.64 19.14 14.66
CA TYR B 167 7.09 18.19 15.68
C TYR B 167 8.39 18.58 16.35
N GLY B 168 8.99 19.72 15.96
CA GLY B 168 10.16 20.24 16.65
C GLY B 168 11.48 19.97 15.94
N LYS B 169 12.54 19.70 16.71
CA LYS B 169 13.85 19.49 16.12
C LYS B 169 13.91 18.10 15.47
N CYS B 170 13.84 18.05 14.14
CA CYS B 170 13.82 16.82 13.37
C CYS B 170 14.99 16.76 12.42
N TYR B 171 15.23 15.58 11.87
CA TYR B 171 16.49 15.30 11.17
C TYR B 171 16.23 14.75 9.78
N THR B 172 17.05 15.16 8.80
CA THR B 172 16.90 14.70 7.41
C THR B 172 18.16 13.96 6.93
N PHE B 173 18.03 12.66 6.70
CA PHE B 173 19.12 11.91 6.09
C PHE B 173 19.14 12.12 4.58
N ASN B 174 20.37 12.24 4.03
CA ASN B 174 20.57 12.39 2.59
C ASN B 174 19.74 13.57 2.09
N ALA B 175 19.85 14.71 2.80
CA ALA B 175 19.11 15.95 2.52
C ALA B 175 19.51 16.60 1.20
N GLY B 176 20.70 16.29 0.66
CA GLY B 176 21.12 16.89 -0.58
C GLY B 176 21.56 18.35 -0.53
N GLN B 177 21.77 18.89 0.66
CA GLN B 177 22.13 20.29 0.86
C GLN B 177 23.59 20.47 1.30
N ASP B 178 24.07 21.71 1.14
CA ASP B 178 25.45 22.13 1.42
C ASP B 178 26.48 21.36 0.60
N GLY B 179 26.22 21.30 -0.71
CA GLY B 179 27.16 20.69 -1.64
C GLY B 179 27.34 19.20 -1.47
N LYS B 180 26.64 18.60 -0.52
CA LYS B 180 26.72 17.16 -0.35
C LYS B 180 26.05 16.46 -1.54
N PRO B 181 26.75 15.54 -2.21
CA PRO B 181 26.11 14.75 -3.25
C PRO B 181 24.94 13.91 -2.71
N ARG B 182 24.10 13.50 -3.64
CA ARG B 182 23.00 12.61 -3.29
C ARG B 182 23.48 11.17 -3.30
N LEU B 183 23.19 10.46 -2.21
CA LEU B 183 23.52 9.06 -2.08
C LEU B 183 22.79 8.23 -3.12
N ILE B 184 23.42 7.14 -3.54
CA ILE B 184 22.76 6.23 -4.46
C ILE B 184 22.81 4.84 -3.86
N THR B 185 22.07 3.92 -4.49
CA THR B 185 22.08 2.51 -4.15
C THR B 185 22.16 1.69 -5.42
N MET B 186 22.80 0.51 -5.34
CA MET B 186 23.01 -0.34 -6.50
C MET B 186 22.37 -1.72 -6.36
N LYS B 187 21.56 -1.92 -5.32
CA LYS B 187 20.89 -3.20 -5.09
C LYS B 187 19.69 -2.96 -4.15
N GLY B 188 18.62 -3.71 -4.37
CA GLY B 188 17.45 -3.57 -3.52
C GLY B 188 17.43 -4.56 -2.36
N GLY B 189 16.59 -4.27 -1.34
CA GLY B 189 16.41 -5.14 -0.20
C GLY B 189 17.06 -4.57 1.05
N THR B 190 16.87 -5.34 2.15
CA THR B 190 17.09 -4.87 3.52
C THR B 190 18.44 -4.20 3.75
N GLY B 191 19.51 -4.88 3.40
CA GLY B 191 20.77 -4.31 3.87
C GLY B 191 21.24 -3.11 3.09
N ASN B 192 20.64 -2.91 1.91
CA ASN B 192 21.19 -2.08 0.85
C ASN B 192 20.58 -0.67 0.76
N GLY B 193 20.07 -0.10 1.88
CA GLY B 193 19.58 1.27 1.91
C GLY B 193 19.93 1.88 3.25
N LEU B 194 19.00 2.63 3.86
CA LEU B 194 19.22 3.22 5.18
C LEU B 194 18.62 2.28 6.20
N GLU B 195 19.35 2.00 7.28
CA GLU B 195 18.91 1.12 8.37
C GLU B 195 19.38 1.81 9.65
N ILE B 196 18.48 2.51 10.34
CA ILE B 196 18.86 3.18 11.57
C ILE B 196 18.15 2.52 12.75
N MET B 197 18.87 2.48 13.87
CA MET B 197 18.31 2.04 15.13
C MET B 197 18.19 3.28 16.01
N LEU B 198 16.97 3.67 16.31
CA LEU B 198 16.68 4.86 17.09
C LEU B 198 16.26 4.46 18.48
N ASP B 199 16.52 5.34 19.42
CA ASP B 199 16.05 5.21 20.80
C ASP B 199 15.11 6.39 21.07
N ILE B 200 13.79 6.13 21.14
CA ILE B 200 12.85 7.24 21.20
C ILE B 200 12.77 7.96 22.56
N GLN B 201 13.32 7.39 23.64
CA GLN B 201 13.47 8.06 24.95
C GLN B 201 12.13 8.43 25.60
N GLN B 202 11.37 7.39 25.97
CA GLN B 202 10.00 7.63 26.46
C GLN B 202 9.97 8.47 27.74
N ASP B 203 10.92 8.26 28.65
CA ASP B 203 10.92 8.96 29.93
C ASP B 203 11.39 10.41 29.83
N GLU B 204 11.71 10.88 28.62
CA GLU B 204 11.88 12.30 28.41
C GLU B 204 10.60 12.96 27.94
N TYR B 205 9.53 12.20 27.74
CA TYR B 205 8.30 12.79 27.24
C TYR B 205 7.69 13.68 28.32
N LEU B 206 7.19 14.83 27.89
CA LEU B 206 6.55 15.74 28.81
C LEU B 206 5.27 15.10 29.39
N PRO B 207 5.04 15.23 30.70
CA PRO B 207 3.92 14.53 31.34
C PRO B 207 2.54 14.97 30.85
N VAL B 208 1.59 14.04 30.98
CA VAL B 208 0.21 14.23 30.56
C VAL B 208 -0.67 14.25 31.81
N TRP B 209 -1.10 15.45 32.21
CA TRP B 209 -1.98 15.67 33.35
C TRP B 209 -3.37 16.10 32.96
N GLY B 210 -3.51 16.66 31.76
CA GLY B 210 -4.79 17.06 31.21
C GLY B 210 -4.62 17.15 29.71
N GLU B 211 -5.71 17.48 29.04
CA GLU B 211 -5.76 17.33 27.61
C GLU B 211 -5.79 18.70 26.91
N THR B 212 -5.21 18.71 25.70
CA THR B 212 -5.25 19.85 24.78
C THR B 212 -5.25 19.30 23.36
N ASP B 213 -5.34 20.21 22.38
CA ASP B 213 -5.15 19.82 20.99
C ASP B 213 -3.78 19.18 20.74
N GLU B 214 -2.76 19.54 21.53
CA GLU B 214 -1.36 19.25 21.22
C GLU B 214 -0.80 18.10 22.07
N THR B 215 -1.66 17.30 22.71
CA THR B 215 -1.25 16.24 23.62
C THR B 215 -1.33 14.87 22.95
N SER B 216 -0.27 14.09 23.08
CA SER B 216 -0.24 12.75 22.53
C SER B 216 -0.14 11.74 23.65
N PHE B 217 -0.92 10.69 23.49
CA PHE B 217 -0.64 9.45 24.16
C PHE B 217 0.26 8.63 23.28
N GLU B 218 0.63 9.17 22.12
CA GLU B 218 1.37 8.39 21.16
C GLU B 218 2.82 8.36 21.59
N ALA B 219 3.52 7.29 21.19
CA ALA B 219 4.94 7.25 21.44
C ALA B 219 5.69 6.58 20.28
N GLY B 220 6.71 7.25 19.79
CA GLY B 220 7.41 6.69 18.64
C GLY B 220 8.04 7.79 17.81
N ILE B 221 8.12 7.55 16.51
CA ILE B 221 8.68 8.52 15.59
C ILE B 221 7.66 8.72 14.49
N LYS B 222 7.84 9.80 13.74
CA LYS B 222 7.05 10.10 12.56
C LYS B 222 8.04 10.27 11.43
N VAL B 223 7.75 9.69 10.29
CA VAL B 223 8.71 9.66 9.20
C VAL B 223 8.04 10.15 7.92
N GLN B 224 8.79 10.90 7.12
CA GLN B 224 8.41 11.19 5.74
C GLN B 224 9.56 10.91 4.76
N ILE B 225 9.28 10.14 3.71
CA ILE B 225 10.25 9.86 2.65
C ILE B 225 9.86 10.72 1.46
N HIS B 226 10.76 11.64 1.11
CA HIS B 226 10.48 12.67 0.12
C HIS B 226 11.75 13.01 -0.63
N SER B 227 11.59 13.50 -1.87
CA SER B 227 12.69 14.01 -2.68
C SER B 227 13.37 15.24 -2.05
N GLN B 228 14.65 15.44 -2.40
CA GLN B 228 15.45 16.54 -1.87
C GLN B 228 15.01 17.92 -2.36
N ASP B 229 14.23 18.01 -3.47
CA ASP B 229 13.74 19.25 -4.05
C ASP B 229 12.56 19.83 -3.29
N GLU B 230 12.01 19.07 -2.35
CA GLU B 230 10.89 19.49 -1.58
C GLU B 230 11.25 19.39 -0.11
N PRO B 231 10.78 20.32 0.72
CA PRO B 231 10.99 20.20 2.15
C PRO B 231 10.06 19.16 2.72
N PRO B 232 10.32 18.66 3.92
CA PRO B 232 9.36 17.77 4.58
C PRO B 232 8.17 18.54 5.15
N LEU B 233 6.99 17.92 5.05
CA LEU B 233 5.78 18.38 5.72
C LEU B 233 5.32 17.28 6.66
N ILE B 234 6.12 16.95 7.67
CA ILE B 234 5.93 15.65 8.29
C ILE B 234 4.68 15.54 9.17
N ASP B 235 4.05 16.66 9.57
CA ASP B 235 2.82 16.55 10.36
C ASP B 235 1.64 16.06 9.54
N GLN B 236 1.65 16.30 8.24
CA GLN B 236 0.58 15.90 7.34
C GLN B 236 0.93 14.73 6.45
N LEU B 237 2.16 14.65 6.00
CA LEU B 237 2.57 13.63 5.05
C LEU B 237 3.31 12.47 5.71
N GLY B 238 3.49 12.52 7.02
CA GLY B 238 4.25 11.50 7.69
C GLY B 238 3.58 10.15 7.80
N PHE B 239 4.38 9.15 8.20
CA PHE B 239 3.84 7.90 8.71
C PHE B 239 4.50 7.56 10.04
N GLY B 240 3.84 6.70 10.81
CA GLY B 240 4.36 6.35 12.12
C GLY B 240 5.25 5.13 12.06
N VAL B 241 6.24 5.10 12.91
CA VAL B 241 6.95 3.87 13.18
C VAL B 241 6.92 3.72 14.68
N ALA B 242 6.54 2.57 15.16
CA ALA B 242 6.35 2.33 16.58
C ALA B 242 7.56 1.62 17.18
N PRO B 243 7.78 1.77 18.51
CA PRO B 243 8.87 1.04 19.19
C PRO B 243 8.62 -0.45 19.40
N GLY B 244 9.72 -1.20 19.44
CA GLY B 244 9.71 -2.63 19.59
C GLY B 244 9.77 -3.43 18.31
N PHE B 245 9.82 -2.80 17.15
CA PHE B 245 9.79 -3.49 15.88
C PHE B 245 10.84 -2.94 14.96
N GLN B 246 11.43 -3.83 14.15
CA GLN B 246 12.17 -3.37 12.99
C GLN B 246 11.17 -3.27 11.88
N THR B 247 10.97 -2.07 11.37
CA THR B 247 9.98 -1.75 10.36
C THR B 247 10.67 -1.61 9.01
N PHE B 248 10.18 -2.34 8.02
CA PHE B 248 10.77 -2.31 6.69
C PHE B 248 9.98 -1.34 5.82
N VAL B 249 10.70 -0.60 5.00
CA VAL B 249 10.09 0.35 4.09
C VAL B 249 10.61 0.00 2.69
N SER B 250 9.81 -0.72 1.91
CA SER B 250 10.15 -1.12 0.56
C SER B 250 9.61 -0.03 -0.39
N CYS B 251 10.50 0.68 -1.09
CA CYS B 251 10.10 1.83 -1.91
C CYS B 251 10.17 1.53 -3.41
N GLN B 252 9.37 2.30 -4.16
CA GLN B 252 9.30 2.33 -5.62
C GLN B 252 9.39 3.77 -6.07
N GLU B 253 10.32 4.04 -6.99
CA GLU B 253 10.51 5.40 -7.49
C GLU B 253 9.53 5.67 -8.61
N GLN B 254 8.72 6.71 -8.47
CA GLN B 254 7.78 7.10 -9.52
C GLN B 254 8.14 8.48 -10.03
N ARG B 255 8.33 8.59 -11.34
CA ARG B 255 8.65 9.82 -12.01
C ARG B 255 7.41 10.24 -12.77
N LEU B 256 6.71 11.21 -12.26
CA LEU B 256 5.56 11.74 -12.95
C LEU B 256 5.99 12.90 -13.83
N ILE B 257 5.50 12.92 -15.06
CA ILE B 257 5.62 14.05 -15.95
C ILE B 257 4.19 14.39 -16.32
N TYR B 258 3.71 15.50 -15.83
CA TYR B 258 2.32 15.84 -16.06
C TYR B 258 2.25 17.00 -17.04
N LEU B 259 1.03 17.25 -17.57
CA LEU B 259 0.90 18.22 -18.67
C LEU B 259 0.37 19.55 -18.14
N PRO B 260 0.88 20.62 -18.76
CA PRO B 260 0.51 22.00 -18.35
C PRO B 260 -0.93 22.32 -18.70
N PRO B 261 -1.39 23.55 -18.51
CA PRO B 261 -2.59 24.00 -19.23
C PRO B 261 -2.28 24.19 -20.69
N PRO B 262 -3.26 24.01 -21.60
CA PRO B 262 -4.71 23.76 -21.41
C PRO B 262 -5.06 22.30 -21.12
N TRP B 263 -4.09 21.41 -21.33
CA TRP B 263 -4.32 19.97 -21.17
C TRP B 263 -4.57 19.59 -19.71
N GLY B 264 -3.82 20.17 -18.79
CA GLY B 264 -3.94 19.82 -17.38
C GLY B 264 -4.02 21.02 -16.47
N ASP B 265 -3.68 20.80 -15.19
CA ASP B 265 -3.63 21.84 -14.16
C ASP B 265 -2.23 21.91 -13.59
N CYS B 266 -1.24 21.55 -14.40
CA CYS B 266 0.13 21.51 -13.96
C CYS B 266 0.66 22.93 -13.78
N LYS B 267 1.81 23.03 -13.14
CA LYS B 267 2.53 24.28 -12.99
C LYS B 267 3.89 23.96 -13.55
N ALA B 268 4.24 24.58 -14.66
CA ALA B 268 5.50 24.24 -15.30
C ALA B 268 6.63 25.16 -14.87
N THR B 269 6.31 26.26 -14.20
CA THR B 269 7.19 27.41 -14.15
C THR B 269 8.22 27.30 -13.02
N THR B 270 8.67 28.45 -12.54
CA THR B 270 9.80 28.57 -11.63
C THR B 270 9.37 28.64 -10.16
N GLY B 271 8.28 29.35 -9.86
CA GLY B 271 7.82 29.54 -8.49
C GLY B 271 8.23 30.89 -7.91
N GLU B 274 8.58 32.07 -3.24
CA GLU B 274 8.85 33.21 -2.37
C GLU B 274 10.06 32.94 -1.43
N PHE B 275 9.89 32.05 -0.44
CA PHE B 275 10.97 31.64 0.47
C PHE B 275 11.74 30.42 0.00
N TYR B 276 11.34 29.77 -1.09
CA TYR B 276 12.09 28.69 -1.71
C TYR B 276 12.37 29.03 -3.17
N ASP B 277 13.09 28.13 -3.83
CA ASP B 277 13.51 28.30 -5.22
C ASP B 277 12.84 27.36 -6.19
N THR B 278 12.53 26.13 -5.77
CA THR B 278 11.94 25.13 -6.64
C THR B 278 10.52 24.87 -6.18
N TYR B 279 9.58 24.99 -7.11
CA TYR B 279 8.17 24.81 -6.79
C TYR B 279 7.89 23.36 -6.40
N SER B 280 6.99 23.19 -5.43
CA SER B 280 6.49 21.90 -4.99
C SER B 280 5.28 22.13 -4.10
N ILE B 281 4.33 21.20 -4.13
CA ILE B 281 3.08 21.43 -3.39
C ILE B 281 3.36 21.73 -1.93
N THR B 282 4.30 21.00 -1.31
CA THR B 282 4.67 21.26 0.09
C THR B 282 5.21 22.66 0.26
N ALA B 283 6.15 23.05 -0.61
CA ALA B 283 6.75 24.39 -0.52
C ALA B 283 5.69 25.47 -0.71
N CYS B 284 4.69 25.22 -1.56
CA CYS B 284 3.63 26.19 -1.78
C CYS B 284 2.72 26.32 -0.55
N ARG B 285 2.36 25.20 0.08
CA ARG B 285 1.40 25.29 1.19
C ARG B 285 2.01 26.00 2.39
N ILE B 286 3.32 25.84 2.61
CA ILE B 286 4.00 26.55 3.69
C ILE B 286 4.04 28.05 3.44
N ASP B 287 4.09 28.49 2.17
CA ASP B 287 4.02 29.93 1.91
C ASP B 287 2.65 30.49 2.29
N CYS B 288 1.56 29.88 1.83
CA CYS B 288 0.23 30.32 2.24
C CYS B 288 0.11 30.31 3.76
N GLU B 289 0.61 29.27 4.42
CA GLU B 289 0.55 29.28 5.88
C GLU B 289 1.43 30.38 6.47
N THR B 290 2.59 30.65 5.87
CA THR B 290 3.55 31.57 6.49
C THR B 290 3.14 33.02 6.38
N ARG B 291 2.81 33.45 5.16
CA ARG B 291 2.41 34.83 4.96
C ARG B 291 1.12 35.15 5.70
N TYR B 292 0.17 34.20 5.74
CA TYR B 292 -1.07 34.45 6.46
C TYR B 292 -0.77 34.79 7.91
N LEU B 293 0.12 34.02 8.54
CA LEU B 293 0.42 34.24 9.95
C LEU B 293 1.17 35.55 10.16
N VAL B 294 2.12 35.88 9.27
CA VAL B 294 2.82 37.15 9.40
C VAL B 294 1.86 38.31 9.18
N GLU B 295 0.99 38.21 8.18
CA GLU B 295 0.02 39.29 7.92
C GLU B 295 -0.97 39.44 9.07
N ASN B 296 -1.46 38.34 9.64
CA ASN B 296 -2.49 38.46 10.67
C ASN B 296 -1.94 38.63 12.08
N CYS B 297 -0.68 38.22 12.33
CA CYS B 297 -0.10 38.31 13.67
C CYS B 297 1.30 38.92 13.75
N ASN B 298 1.91 39.30 12.63
CA ASN B 298 3.28 39.84 12.62
C ASN B 298 4.24 38.87 13.32
N CYS B 299 4.13 37.60 12.95
CA CYS B 299 4.65 36.50 13.76
C CYS B 299 4.82 35.26 12.89
N ARG B 300 5.85 34.46 13.17
CA ARG B 300 5.99 33.17 12.50
C ARG B 300 6.18 32.07 13.54
N MET B 301 5.89 30.84 13.13
CA MET B 301 6.06 29.64 13.97
C MET B 301 7.37 28.94 13.64
N VAL B 302 7.70 27.94 14.47
CA VAL B 302 9.04 27.36 14.39
C VAL B 302 9.32 26.75 13.02
N HIS B 303 8.30 26.22 12.36
CA HIS B 303 8.46 25.52 11.10
C HIS B 303 8.44 26.43 9.86
N MET B 304 8.37 27.78 10.03
CA MET B 304 8.16 28.67 8.89
C MET B 304 9.44 29.43 8.49
N PRO B 305 9.63 29.69 7.21
CA PRO B 305 10.86 30.34 6.74
C PRO B 305 10.77 31.85 6.89
N GLY B 306 11.86 32.53 6.49
CA GLY B 306 11.82 33.98 6.47
C GLY B 306 12.56 34.66 7.61
N ASP B 307 12.12 35.88 7.93
CA ASP B 307 12.78 36.72 8.93
C ASP B 307 11.85 37.22 10.01
N ALA B 308 10.58 36.82 10.00
CA ALA B 308 9.66 37.31 11.02
C ALA B 308 10.13 36.85 12.39
N PRO B 309 9.73 37.56 13.44
CA PRO B 309 10.02 37.07 14.79
C PRO B 309 9.21 35.80 15.09
N TYR B 310 9.84 34.87 15.81
CA TYR B 310 9.13 33.65 16.17
C TYR B 310 8.12 34.00 17.27
N CYS B 311 6.97 33.32 17.25
CA CYS B 311 5.87 33.70 18.12
C CYS B 311 6.23 33.56 19.60
N THR B 312 5.69 34.46 20.41
CA THR B 312 5.73 34.29 21.85
C THR B 312 4.59 33.40 22.29
N PRO B 313 4.72 32.75 23.46
CA PRO B 313 3.59 31.97 24.01
C PRO B 313 2.28 32.75 24.16
N GLU B 314 2.35 34.04 24.51
CA GLU B 314 1.13 34.86 24.55
C GLU B 314 0.59 35.11 23.14
N GLN B 315 1.49 35.38 22.18
CA GLN B 315 1.06 35.59 20.80
C GLN B 315 0.41 34.34 20.22
N TYR B 316 0.96 33.17 20.52
CA TYR B 316 0.33 31.95 20.04
C TYR B 316 -1.05 31.76 20.65
N LYS B 317 -1.15 31.80 21.99
CA LYS B 317 -2.46 31.62 22.63
C LYS B 317 -3.49 32.60 22.08
N GLU B 318 -3.13 33.88 22.02
CA GLU B 318 -4.09 34.94 21.73
C GLU B 318 -4.26 35.23 20.23
N CYS B 319 -3.23 35.02 19.40
CA CYS B 319 -3.27 35.49 18.01
C CYS B 319 -3.10 34.39 16.97
N ALA B 320 -1.99 33.63 17.00
CA ALA B 320 -1.66 32.74 15.87
C ALA B 320 -2.58 31.52 15.83
N ASP B 321 -2.85 30.90 16.98
CA ASP B 321 -3.79 29.78 17.02
C ASP B 321 -5.17 30.16 16.51
N PRO B 322 -5.79 31.27 16.95
CA PRO B 322 -7.05 31.64 16.29
C PRO B 322 -6.87 31.97 14.82
N ALA B 323 -5.72 32.52 14.42
CA ALA B 323 -5.50 32.89 13.02
C ALA B 323 -5.44 31.67 12.14
N LEU B 324 -4.78 30.60 12.60
CA LEU B 324 -4.78 29.37 11.83
C LEU B 324 -6.11 28.64 11.93
N ASP B 325 -6.68 28.60 13.15
CA ASP B 325 -8.00 28.00 13.33
C ASP B 325 -9.03 28.60 12.37
N PHE B 326 -9.03 29.92 12.22
CA PHE B 326 -9.94 30.58 11.29
C PHE B 326 -9.50 30.38 9.85
N LEU B 327 -8.20 30.27 9.59
CA LEU B 327 -7.71 30.20 8.21
C LEU B 327 -8.25 28.98 7.48
N VAL B 328 -8.44 27.86 8.18
CA VAL B 328 -8.98 26.68 7.49
C VAL B 328 -10.45 26.89 7.14
N GLU B 329 -11.24 27.44 8.06
CA GLU B 329 -12.67 27.68 7.83
C GLU B 329 -12.96 29.13 7.42
N TYR B 334 -8.78 28.24 0.43
CA TYR B 334 -8.45 29.63 0.16
C TYR B 334 -7.24 29.72 -0.78
N CYS B 335 -6.19 28.92 -0.51
CA CYS B 335 -4.94 28.87 -1.27
C CYS B 335 -4.81 27.53 -1.97
N VAL B 336 -4.90 27.52 -3.30
CA VAL B 336 -4.75 26.28 -4.06
C VAL B 336 -3.33 26.18 -4.61
N CYS B 337 -2.74 24.98 -4.50
CA CYS B 337 -1.37 24.69 -4.93
C CYS B 337 -1.38 23.49 -5.86
N GLU B 338 -1.10 23.72 -7.15
CA GLU B 338 -1.11 22.66 -8.15
C GLU B 338 0.23 21.93 -8.24
N MET B 339 0.18 20.77 -8.87
CA MET B 339 1.33 19.89 -8.97
C MET B 339 2.36 20.43 -9.98
N PRO B 340 3.63 20.17 -9.79
CA PRO B 340 4.63 20.51 -10.80
C PRO B 340 4.65 19.48 -11.92
N CYS B 341 5.41 19.79 -12.95
CA CYS B 341 5.37 18.92 -14.10
C CYS B 341 6.40 17.81 -14.01
N ASN B 342 7.56 18.09 -13.42
CA ASN B 342 8.52 17.07 -13.05
C ASN B 342 8.28 16.78 -11.59
N VAL B 343 7.79 15.60 -11.29
CA VAL B 343 7.60 15.21 -9.90
C VAL B 343 8.07 13.80 -9.74
N THR B 344 8.93 13.58 -8.74
CA THR B 344 9.39 12.25 -8.38
C THR B 344 8.76 11.89 -7.05
N ARG B 345 7.98 10.82 -7.04
CA ARG B 345 7.31 10.32 -5.84
C ARG B 345 7.94 9.00 -5.42
N TYR B 346 7.84 8.71 -4.11
CA TYR B 346 8.32 7.45 -3.53
C TYR B 346 7.14 6.66 -2.94
N GLY B 347 6.78 5.55 -3.62
CA GLY B 347 5.77 4.64 -3.06
C GLY B 347 6.41 3.65 -2.12
N LYS B 348 5.68 3.23 -1.09
CA LYS B 348 6.29 2.40 -0.05
C LYS B 348 5.34 1.31 0.44
N GLU B 349 5.89 0.15 0.78
CA GLU B 349 5.13 -0.93 1.40
C GLU B 349 5.73 -1.18 2.78
N LEU B 350 4.92 -0.99 3.83
CA LEU B 350 5.40 -1.16 5.20
C LEU B 350 5.18 -2.58 5.68
N SER B 351 6.19 -3.10 6.38
CA SER B 351 6.19 -4.44 6.93
C SER B 351 7.02 -4.39 8.21
N MET B 352 6.76 -5.30 9.17
CA MET B 352 7.52 -5.20 10.41
C MET B 352 7.64 -6.55 11.09
N VAL B 353 8.77 -6.73 11.79
CA VAL B 353 9.04 -7.89 12.61
C VAL B 353 9.50 -7.31 13.93
N LYS B 354 9.50 -8.16 14.98
CA LYS B 354 9.74 -7.69 16.35
C LYS B 354 11.24 -7.59 16.67
N ILE B 355 11.63 -6.59 17.46
CA ILE B 355 12.96 -6.49 18.07
C ILE B 355 12.79 -6.20 19.57
N PRO B 356 13.63 -6.78 20.44
CA PRO B 356 14.65 -7.73 19.99
C PRO B 356 14.23 -9.16 20.15
N SER B 357 14.94 -10.01 19.42
CA SER B 357 14.81 -11.44 19.62
C SER B 357 15.27 -11.76 21.03
N LYS B 358 14.73 -12.85 21.59
CA LYS B 358 15.16 -13.26 22.91
C LYS B 358 16.68 -13.48 22.95
N ALA B 359 17.25 -14.03 21.88
CA ALA B 359 18.69 -14.26 21.85
C ALA B 359 19.49 -12.96 21.91
N SER B 360 18.97 -11.89 21.31
CA SER B 360 19.72 -10.67 21.28
C SER B 360 19.26 -9.66 22.33
N ALA B 361 18.24 -9.96 23.12
CA ALA B 361 17.78 -8.95 24.08
C ALA B 361 18.86 -8.66 25.12
N LYS B 362 19.45 -9.68 25.71
CA LYS B 362 20.43 -9.43 26.75
C LYS B 362 21.65 -8.71 26.18
N TYR B 363 22.06 -9.07 24.98
CA TYR B 363 23.24 -8.46 24.36
C TYR B 363 23.03 -6.98 24.09
N LEU B 364 21.83 -6.61 23.62
CA LEU B 364 21.56 -5.20 23.32
C LEU B 364 21.54 -4.36 24.57
N ALA B 365 21.04 -4.92 25.67
CA ALA B 365 21.08 -4.20 26.93
C ALA B 365 22.53 -4.01 27.39
N LYS B 366 23.31 -5.10 27.45
CA LYS B 366 24.73 -4.98 27.76
C LYS B 366 25.39 -3.97 26.82
N LYS B 367 25.05 -4.00 25.53
CA LYS B 367 25.74 -3.16 24.54
C LYS B 367 25.48 -1.68 24.74
N TYR B 368 24.31 -1.30 25.22
CA TYR B 368 23.93 0.11 25.31
C TYR B 368 23.62 0.53 26.73
N ASN B 369 24.06 -0.23 27.73
CA ASN B 369 23.88 0.14 29.13
C ASN B 369 22.44 0.61 29.41
N LYS B 370 21.50 -0.28 29.07
CA LYS B 370 20.08 -0.10 29.32
C LYS B 370 19.52 -1.42 29.81
N SER B 371 18.35 -1.36 30.46
CA SER B 371 17.65 -2.56 30.93
C SER B 371 17.00 -3.30 29.75
N GLU B 372 16.66 -4.56 29.95
CA GLU B 372 15.93 -5.24 28.87
C GLU B 372 14.53 -4.67 28.68
N GLN B 373 13.88 -4.19 29.73
CA GLN B 373 12.55 -3.62 29.53
C GLN B 373 12.61 -2.33 28.73
N TYR B 374 13.67 -1.55 28.93
CA TYR B 374 13.84 -0.32 28.18
C TYR B 374 13.93 -0.60 26.68
N ILE B 375 14.74 -1.60 26.30
CA ILE B 375 15.00 -1.89 24.89
C ILE B 375 13.69 -2.13 24.16
N GLY B 376 12.85 -2.99 24.71
CA GLY B 376 11.59 -3.29 24.06
C GLY B 376 10.56 -2.17 24.08
N GLU B 377 10.72 -1.19 24.97
CA GLU B 377 9.80 -0.06 24.98
C GLU B 377 10.31 1.12 24.17
N ASN B 378 11.62 1.18 23.89
CA ASN B 378 12.18 2.39 23.32
C ASN B 378 12.97 2.22 22.03
N ILE B 379 13.34 1.00 21.65
CA ILE B 379 14.19 0.78 20.49
C ILE B 379 13.27 0.46 19.35
N LEU B 380 13.51 1.09 18.21
CA LEU B 380 12.91 0.76 16.93
C LEU B 380 14.07 0.73 15.96
N VAL B 381 13.95 -0.11 14.94
CA VAL B 381 14.86 -0.10 13.82
C VAL B 381 14.05 0.24 12.60
N LEU B 382 14.45 1.28 11.92
CA LEU B 382 13.82 1.71 10.69
C LEU B 382 14.73 1.28 9.53
N ASP B 383 14.17 0.57 8.56
CA ASP B 383 14.93 0.00 7.47
C ASP B 383 14.30 0.37 6.12
N ILE B 384 14.88 1.38 5.45
CA ILE B 384 14.32 1.98 4.24
C ILE B 384 15.22 1.61 3.06
N PHE B 385 14.61 1.11 1.98
CA PHE B 385 15.34 0.66 0.82
C PHE B 385 14.40 0.65 -0.37
N PHE B 386 14.96 0.33 -1.54
CA PHE B 386 14.18 0.17 -2.76
C PHE B 386 13.83 -1.30 -2.96
N GLU B 387 12.58 -1.56 -3.36
CA GLU B 387 12.20 -2.93 -3.68
C GLU B 387 13.18 -3.52 -4.70
N ALA B 388 13.47 -2.77 -5.76
CA ALA B 388 14.34 -3.28 -6.80
C ALA B 388 14.86 -2.12 -7.65
N LEU B 389 15.79 -2.42 -8.53
CA LEU B 389 16.46 -1.39 -9.29
C LEU B 389 15.61 -1.07 -10.52
N ASN B 390 14.56 -0.29 -10.30
CA ASN B 390 13.73 0.16 -11.43
C ASN B 390 12.94 1.38 -10.97
N TYR B 391 12.47 2.16 -11.95
CA TYR B 391 11.60 3.28 -11.67
C TYR B 391 10.43 3.29 -12.64
N GLU B 392 9.25 3.53 -12.07
CA GLU B 392 8.05 3.67 -12.85
C GLU B 392 7.95 5.11 -13.35
N THR B 393 7.33 5.27 -14.52
CA THR B 393 7.11 6.57 -15.15
C THR B 393 5.64 6.73 -15.45
N ILE B 394 5.03 7.80 -14.95
CA ILE B 394 3.64 8.14 -15.26
C ILE B 394 3.63 9.48 -15.98
N GLU B 395 3.27 9.48 -17.26
CA GLU B 395 3.33 10.67 -18.09
C GLU B 395 1.99 10.87 -18.79
N GLN B 396 1.45 12.07 -18.66
CA GLN B 396 0.32 12.48 -19.46
C GLN B 396 0.83 12.87 -20.84
N LYS B 397 0.28 12.22 -21.87
CA LYS B 397 0.65 12.46 -23.27
C LYS B 397 -0.56 13.07 -24.00
N LYS B 398 -0.26 13.96 -24.95
CA LYS B 398 -1.32 14.62 -25.71
C LYS B 398 -2.02 13.63 -26.63
N ALA B 399 -3.36 13.65 -26.60
CA ALA B 399 -4.15 12.64 -27.30
C ALA B 399 -4.39 12.97 -28.76
N TYR B 400 -4.50 14.25 -29.10
CA TYR B 400 -4.89 14.73 -30.43
C TYR B 400 -4.04 15.96 -30.72
N GLU B 401 -2.91 15.74 -31.37
CA GLU B 401 -2.05 16.85 -31.74
C GLU B 401 -2.72 17.61 -32.88
N VAL B 402 -2.10 18.70 -33.35
CA VAL B 402 -2.73 19.42 -34.45
C VAL B 402 -2.52 18.70 -35.77
N ALA B 403 -1.31 18.17 -36.00
CA ALA B 403 -0.98 17.43 -37.21
C ALA B 403 -1.99 16.30 -37.46
N GLY B 404 -2.44 15.64 -36.40
CA GLY B 404 -3.42 14.59 -36.53
C GLY B 404 -4.83 15.06 -36.76
N LEU B 405 -5.15 16.29 -36.39
CA LEU B 405 -6.45 16.83 -36.79
C LEU B 405 -6.51 16.99 -38.31
N LEU B 406 -5.50 17.66 -38.88
CA LEU B 406 -5.53 17.97 -40.31
C LEU B 406 -5.59 16.69 -41.15
N GLY B 407 -4.75 15.71 -40.83
CA GLY B 407 -4.92 14.39 -41.42
C GLY B 407 -6.33 13.85 -41.28
N ASP B 408 -6.99 14.12 -40.15
CA ASP B 408 -8.36 13.62 -39.99
C ASP B 408 -9.34 14.42 -40.82
N ILE B 409 -9.18 15.73 -40.88
CA ILE B 409 -10.11 16.52 -41.71
C ILE B 409 -9.83 16.27 -43.19
N GLY B 410 -8.55 16.37 -43.60
CA GLY B 410 -8.22 16.13 -44.99
C GLY B 410 -8.70 14.79 -45.49
N GLY B 411 -8.59 13.76 -44.66
CA GLY B 411 -9.11 12.46 -45.05
C GLY B 411 -10.63 12.47 -45.13
N GLN B 412 -11.29 13.16 -44.20
CA GLN B 412 -12.76 13.24 -44.22
C GLN B 412 -13.26 14.07 -45.39
N MET B 413 -12.55 15.17 -45.71
CA MET B 413 -12.89 15.93 -46.91
C MET B 413 -12.61 15.09 -48.14
N GLY B 414 -11.34 14.73 -48.39
CA GLY B 414 -11.02 13.83 -49.47
C GLY B 414 -11.73 12.48 -49.48
N LEU B 415 -12.89 12.40 -48.84
CA LEU B 415 -13.70 11.19 -48.77
C LEU B 415 -15.16 11.51 -49.07
N PHE B 416 -15.76 12.37 -48.26
CA PHE B 416 -17.18 12.70 -48.42
C PHE B 416 -17.43 13.53 -49.68
N ILE B 417 -16.48 14.38 -50.04
CA ILE B 417 -16.44 15.19 -51.24
C ILE B 417 -15.05 14.98 -51.82
N GLY B 418 -14.69 15.69 -52.88
CA GLY B 418 -13.33 15.48 -53.33
C GLY B 418 -12.34 16.56 -52.97
N ALA B 419 -12.72 17.50 -52.11
CA ALA B 419 -12.04 18.78 -52.07
C ALA B 419 -10.66 18.69 -51.46
N SER B 420 -9.80 19.60 -51.90
CA SER B 420 -8.53 19.93 -51.26
C SER B 420 -8.69 21.32 -50.64
N ILE B 421 -7.65 21.78 -49.94
CA ILE B 421 -7.74 23.17 -49.46
C ILE B 421 -7.45 24.09 -50.64
N LEU B 422 -6.61 23.63 -51.58
CA LEU B 422 -6.39 24.39 -52.81
C LEU B 422 -7.66 24.47 -53.63
N THR B 423 -8.61 23.54 -53.44
CA THR B 423 -9.88 23.66 -54.20
C THR B 423 -10.73 24.78 -53.61
N VAL B 424 -11.04 24.69 -52.32
CA VAL B 424 -11.88 25.68 -51.66
C VAL B 424 -11.40 27.10 -51.93
N LEU B 425 -10.12 27.27 -52.26
CA LEU B 425 -9.60 28.58 -52.67
C LEU B 425 -9.95 28.90 -54.12
N GLU B 426 -10.24 27.87 -54.94
CA GLU B 426 -10.74 28.11 -56.29
C GLU B 426 -12.13 28.74 -56.28
N LEU B 427 -12.93 28.54 -55.22
CA LEU B 427 -14.27 29.13 -55.14
C LEU B 427 -14.23 30.63 -54.87
N PHE B 428 -13.09 31.17 -54.47
CA PHE B 428 -12.92 32.61 -54.34
C PHE B 428 -12.41 33.24 -55.64
N ASP B 429 -11.67 32.47 -56.45
CA ASP B 429 -11.28 32.90 -57.78
C ASP B 429 -12.48 33.13 -58.69
N TYR B 430 -13.63 32.51 -58.40
CA TYR B 430 -14.88 32.76 -59.13
C TYR B 430 -15.45 34.14 -58.81
N ALA B 431 -15.87 34.33 -57.57
CA ALA B 431 -16.43 35.61 -57.12
C ALA B 431 -15.36 36.68 -57.03
N ALA C 23 0.26 2.81 -64.24
CA ALA C 23 -1.14 2.38 -64.17
C ALA C 23 -1.23 0.85 -64.09
N LEU C 24 -0.09 0.22 -64.38
CA LEU C 24 0.09 -1.23 -64.18
C LEU C 24 0.07 -1.59 -62.68
N CYS C 25 0.85 -0.87 -61.87
CA CYS C 25 0.99 -1.02 -60.43
C CYS C 25 -0.15 -0.37 -59.67
N PHE C 26 -1.16 0.14 -60.37
CA PHE C 26 -2.40 0.55 -59.73
C PHE C 26 -3.05 -0.63 -59.01
N MET C 27 -2.98 -1.82 -59.61
CA MET C 27 -3.57 -2.97 -58.93
C MET C 27 -2.92 -3.16 -57.56
N GLY C 28 -1.62 -2.93 -57.45
CA GLY C 28 -0.97 -2.97 -56.15
C GLY C 28 -1.53 -1.95 -55.18
N SER C 29 -1.58 -0.68 -55.58
CA SER C 29 -2.06 0.37 -54.68
C SER C 29 -3.52 0.17 -54.27
N LEU C 30 -4.33 -0.49 -55.10
CA LEU C 30 -5.69 -0.75 -54.63
C LEU C 30 -5.66 -1.85 -53.58
N ALA C 31 -4.80 -2.84 -53.76
CA ALA C 31 -4.66 -3.89 -52.76
C ALA C 31 -4.22 -3.33 -51.41
N LEU C 32 -3.27 -2.38 -51.43
CA LEU C 32 -2.82 -1.75 -50.18
C LEU C 32 -3.95 -0.98 -49.52
N LEU C 33 -4.80 -0.32 -50.31
CA LEU C 33 -5.95 0.34 -49.71
C LEU C 33 -6.86 -0.67 -49.03
N ALA C 34 -7.10 -1.82 -49.67
CA ALA C 34 -7.87 -2.89 -49.04
C ALA C 34 -7.22 -3.36 -47.74
N LEU C 35 -5.89 -3.40 -47.71
CA LEU C 35 -5.15 -3.92 -46.58
C LEU C 35 -5.24 -2.99 -45.37
N VAL C 36 -4.81 -1.75 -45.55
CA VAL C 36 -4.79 -0.75 -44.48
C VAL C 36 -6.20 -0.39 -44.04
N CYS C 37 -7.15 -0.34 -44.99
CA CYS C 37 -8.53 -0.03 -44.64
C CYS C 37 -9.20 -1.15 -43.86
N THR C 38 -8.79 -2.39 -44.09
CA THR C 38 -9.30 -3.49 -43.28
C THR C 38 -8.72 -3.47 -41.86
N ASN C 39 -7.47 -3.04 -41.71
CA ASN C 39 -6.84 -2.97 -40.40
C ASN C 39 -7.53 -1.95 -39.51
N ARG C 40 -7.71 -0.72 -40.01
CA ARG C 40 -8.39 0.32 -39.24
C ARG C 40 -9.88 0.07 -39.09
N ILE C 41 -10.48 -0.78 -39.94
CA ILE C 41 -11.90 -1.09 -39.75
C ILE C 41 -12.06 -2.20 -38.71
N GLN C 42 -11.15 -3.16 -38.68
CA GLN C 42 -11.22 -4.18 -37.64
C GLN C 42 -10.83 -3.60 -36.29
N TYR C 43 -9.78 -2.76 -36.25
CA TYR C 43 -9.41 -2.07 -35.02
C TYR C 43 -10.62 -1.38 -34.41
N TYR C 44 -11.40 -0.69 -35.26
CA TYR C 44 -12.59 0.01 -34.76
C TYR C 44 -13.51 -0.92 -34.00
N PHE C 45 -13.65 -2.15 -34.45
CA PHE C 45 -14.65 -3.04 -33.87
C PHE C 45 -14.18 -3.77 -32.61
N LEU C 46 -12.88 -3.75 -32.30
CA LEU C 46 -12.43 -4.16 -30.97
C LEU C 46 -12.91 -3.22 -29.89
N TYR C 47 -13.47 -2.08 -30.28
CA TYR C 47 -13.86 -1.01 -29.37
C TYR C 47 -12.74 -0.66 -28.40
N PRO C 48 -11.58 -0.28 -28.91
CA PRO C 48 -10.47 -0.05 -28.01
C PRO C 48 -10.77 1.13 -27.12
N HIS C 49 -10.23 1.04 -25.91
CA HIS C 49 -10.19 2.14 -24.99
C HIS C 49 -8.78 2.22 -24.44
N VAL C 50 -8.40 3.42 -24.02
CA VAL C 50 -7.18 3.66 -23.27
C VAL C 50 -7.56 4.52 -22.04
N THR C 51 -6.62 4.77 -21.14
CA THR C 51 -6.95 5.31 -19.81
C THR C 51 -6.37 6.70 -19.57
N LYS C 52 -7.13 7.56 -18.90
CA LYS C 52 -6.69 8.91 -18.59
C LYS C 52 -6.59 9.06 -17.07
N LEU C 53 -5.35 9.04 -16.58
CA LEU C 53 -5.02 9.34 -15.18
C LEU C 53 -4.84 10.84 -15.03
N ASP C 54 -5.49 11.41 -14.03
CA ASP C 54 -5.27 12.79 -13.64
C ASP C 54 -5.57 12.88 -12.14
N GLU C 55 -5.01 13.89 -11.51
CA GLU C 55 -5.38 14.21 -10.15
C GLU C 55 -5.64 15.69 -10.10
N VAL C 56 -6.72 16.08 -9.48
CA VAL C 56 -7.15 17.48 -9.49
C VAL C 56 -7.28 17.95 -8.06
N ALA C 57 -6.78 19.16 -7.81
CA ALA C 57 -6.76 19.72 -6.48
C ALA C 57 -8.16 20.16 -6.09
N ALA C 58 -8.40 20.23 -4.78
CA ALA C 58 -9.70 20.62 -4.26
C ALA C 58 -9.50 21.46 -3.01
N THR C 59 -10.53 22.19 -2.63
CA THR C 59 -10.48 22.98 -1.42
C THR C 59 -11.20 22.32 -0.25
N ARG C 60 -12.27 21.59 -0.53
CA ARG C 60 -12.98 20.77 0.42
C ARG C 60 -12.97 19.35 -0.13
N LEU C 61 -13.36 18.39 0.70
CA LEU C 61 -13.41 17.00 0.23
C LEU C 61 -14.38 16.20 1.10
N THR C 62 -15.32 15.49 0.46
CA THR C 62 -16.34 14.73 1.18
C THR C 62 -15.75 13.49 1.85
N PHE C 63 -15.90 13.42 3.18
CA PHE C 63 -15.36 12.34 3.99
C PHE C 63 -16.17 11.06 3.81
N PRO C 64 -15.52 9.90 3.87
CA PRO C 64 -16.27 8.65 3.61
C PRO C 64 -17.18 8.21 4.74
N ALA C 65 -17.79 7.04 4.58
CA ALA C 65 -18.29 6.34 5.75
C ALA C 65 -17.18 5.45 6.30
N VAL C 66 -17.21 5.25 7.61
CA VAL C 66 -16.27 4.36 8.27
C VAL C 66 -17.08 3.39 9.12
N THR C 67 -17.02 2.11 8.78
CA THR C 67 -17.69 1.05 9.51
C THR C 67 -16.65 0.22 10.25
N PHE C 68 -16.90 -0.03 11.53
CA PHE C 68 -16.01 -0.84 12.32
C PHE C 68 -16.80 -1.77 13.24
N CYS C 69 -16.18 -2.93 13.52
CA CYS C 69 -16.74 -3.99 14.34
C CYS C 69 -15.74 -4.38 15.40
N ASN C 70 -16.25 -4.75 16.57
CA ASN C 70 -15.44 -5.54 17.47
C ASN C 70 -15.34 -6.97 16.92
N LEU C 71 -14.15 -7.58 16.99
CA LEU C 71 -14.03 -8.94 16.45
C LEU C 71 -14.91 -9.88 17.22
N ASN C 72 -15.19 -9.53 18.47
CA ASN C 72 -16.07 -10.31 19.32
C ASN C 72 -17.52 -9.89 19.11
N GLU C 73 -18.40 -10.87 19.00
CA GLU C 73 -19.77 -10.63 18.58
C GLU C 73 -20.73 -10.34 19.75
N PHE C 74 -20.61 -11.12 20.84
CA PHE C 74 -21.52 -11.10 21.98
C PHE C 74 -20.76 -10.93 23.29
N ARG C 75 -21.26 -10.05 24.15
CA ARG C 75 -20.65 -9.84 25.45
C ARG C 75 -20.88 -11.02 26.39
N PHE C 76 -19.81 -11.46 27.06
CA PHE C 76 -19.93 -12.56 27.99
C PHE C 76 -20.96 -12.26 29.07
N SER C 77 -20.99 -11.01 29.57
CA SER C 77 -21.86 -10.66 30.70
C SER C 77 -23.32 -10.57 30.30
N ARG C 78 -23.61 -10.28 29.05
CA ARG C 78 -24.97 -10.17 28.57
C ARG C 78 -25.56 -11.50 28.14
N VAL C 79 -24.79 -12.58 28.17
CA VAL C 79 -25.34 -13.88 27.83
C VAL C 79 -26.14 -14.39 29.03
N THR C 80 -27.43 -14.64 28.81
CA THR C 80 -28.34 -15.14 29.81
C THR C 80 -28.52 -16.66 29.71
N LYS C 81 -29.17 -17.21 30.73
CA LYS C 81 -29.48 -18.64 30.73
C LYS C 81 -30.28 -19.03 29.50
N ASN C 82 -31.24 -18.19 29.10
CA ASN C 82 -32.02 -18.51 27.91
C ASN C 82 -31.15 -18.47 26.67
N ASP C 83 -30.23 -17.51 26.60
CA ASP C 83 -29.27 -17.46 25.49
C ASP C 83 -28.50 -18.76 25.41
N LEU C 84 -28.03 -19.25 26.56
CA LEU C 84 -27.20 -20.43 26.60
C LEU C 84 -27.96 -21.67 26.18
N TYR C 85 -29.26 -21.76 26.51
CA TYR C 85 -30.05 -22.93 26.14
C TYR C 85 -30.16 -23.09 24.63
N HIS C 86 -30.44 -22.00 23.91
CA HIS C 86 -30.69 -22.12 22.48
C HIS C 86 -29.42 -22.07 21.66
N ALA C 87 -28.42 -21.31 22.12
CA ALA C 87 -27.22 -21.04 21.32
C ALA C 87 -25.94 -21.55 21.95
N GLY C 88 -26.00 -22.14 23.13
CA GLY C 88 -24.77 -22.53 23.79
C GLY C 88 -23.97 -23.52 22.96
N GLU C 89 -24.66 -24.50 22.35
CA GLU C 89 -23.98 -25.41 21.46
C GLU C 89 -23.53 -24.72 20.19
N LEU C 90 -24.31 -23.76 19.70
CA LEU C 90 -23.93 -23.01 18.51
C LEU C 90 -22.61 -22.28 18.71
N LEU C 91 -22.36 -21.83 19.95
CA LEU C 91 -21.27 -20.94 20.30
C LEU C 91 -20.11 -21.67 20.97
N ALA C 92 -20.06 -23.00 20.90
CA ALA C 92 -19.00 -23.77 21.54
C ALA C 92 -18.92 -23.43 23.03
N LEU C 93 -20.07 -23.15 23.63
CA LEU C 93 -20.16 -22.97 25.06
C LEU C 93 -20.79 -24.16 25.76
N LEU C 94 -21.40 -25.07 25.00
CA LEU C 94 -22.00 -26.29 25.53
C LEU C 94 -21.76 -27.40 24.52
N ASN C 95 -21.44 -28.60 25.00
CA ASN C 95 -21.41 -29.72 24.06
C ASN C 95 -22.83 -30.20 23.78
N ASN C 96 -22.98 -31.10 22.80
CA ASN C 96 -24.31 -31.52 22.37
C ASN C 96 -25.07 -32.31 23.44
N ARG C 97 -24.50 -32.49 24.63
CA ARG C 97 -25.29 -32.90 25.79
C ARG C 97 -25.79 -31.70 26.60
N TYR C 98 -25.50 -30.48 26.15
CA TYR C 98 -25.96 -29.24 26.79
C TYR C 98 -25.29 -29.00 28.14
N GLU C 99 -24.03 -29.40 28.30
CA GLU C 99 -23.33 -29.17 29.55
C GLU C 99 -22.00 -28.46 29.30
N ILE C 100 -21.43 -27.93 30.37
CA ILE C 100 -20.14 -27.25 30.24
C ILE C 100 -19.06 -28.30 30.01
N PRO C 101 -18.14 -28.12 29.05
CA PRO C 101 -17.05 -29.09 28.91
C PRO C 101 -16.22 -29.22 30.19
N ASP C 102 -16.43 -28.30 31.14
CA ASP C 102 -15.76 -28.24 32.44
C ASP C 102 -14.25 -28.28 32.31
N THR C 103 -13.74 -28.10 31.09
CA THR C 103 -12.30 -27.97 30.90
C THR C 103 -11.83 -26.72 31.61
N GLN C 104 -10.78 -26.84 32.41
CA GLN C 104 -10.27 -25.67 33.13
C GLN C 104 -9.48 -24.71 32.23
N THR C 105 -9.68 -24.82 30.90
CA THR C 105 -8.95 -24.03 29.90
C THR C 105 -9.49 -22.60 29.78
N ALA C 106 -10.01 -22.04 30.87
CA ALA C 106 -10.46 -20.66 30.90
C ALA C 106 -10.41 -20.20 32.34
N ASP C 107 -10.51 -18.88 32.53
CA ASP C 107 -10.32 -18.30 33.85
C ASP C 107 -11.48 -18.73 34.76
N GLU C 108 -11.18 -18.86 36.05
CA GLU C 108 -12.15 -19.47 36.97
C GLU C 108 -13.44 -18.66 37.07
N LYS C 109 -13.36 -17.33 37.20
CA LYS C 109 -14.57 -16.56 37.47
C LYS C 109 -15.60 -16.78 36.36
N GLN C 110 -15.15 -16.78 35.10
CA GLN C 110 -16.06 -16.96 33.97
C GLN C 110 -16.58 -18.39 33.91
N LEU C 111 -15.72 -19.38 34.19
CA LEU C 111 -16.20 -20.76 34.17
C LEU C 111 -17.22 -21.00 35.27
N GLU C 112 -17.09 -20.28 36.39
CA GLU C 112 -18.12 -20.32 37.42
C GLU C 112 -19.38 -19.57 36.98
N ILE C 113 -19.21 -18.43 36.31
CA ILE C 113 -20.35 -17.69 35.80
C ILE C 113 -21.18 -18.55 34.84
N LEU C 114 -20.51 -19.33 33.98
CA LEU C 114 -21.22 -20.17 33.01
C LEU C 114 -21.73 -21.46 33.63
N GLN C 115 -20.92 -22.13 34.47
CA GLN C 115 -21.42 -23.32 35.14
C GLN C 115 -22.71 -23.02 35.89
N ASP C 116 -22.81 -21.80 36.41
CA ASP C 116 -24.03 -21.33 37.05
C ASP C 116 -25.16 -21.17 36.05
N LYS C 117 -24.96 -20.34 35.02
CA LYS C 117 -26.00 -20.04 34.03
C LYS C 117 -26.46 -21.29 33.28
N ALA C 118 -25.70 -22.38 33.33
CA ALA C 118 -25.96 -23.56 32.50
C ALA C 118 -26.72 -24.65 33.23
N ASN C 119 -27.28 -24.36 34.40
CA ASN C 119 -28.00 -25.36 35.19
C ASN C 119 -29.48 -25.34 34.79
N PHE C 120 -29.91 -26.38 34.08
CA PHE C 120 -31.24 -26.42 33.47
C PHE C 120 -32.27 -27.19 34.29
N ARG C 121 -32.05 -27.32 35.60
CA ARG C 121 -33.06 -27.90 36.49
C ARG C 121 -34.29 -26.98 36.55
N ASN C 122 -35.46 -27.52 36.19
CA ASN C 122 -36.75 -26.83 36.34
C ASN C 122 -36.86 -25.57 35.47
N PHE C 123 -36.28 -25.61 34.27
CA PHE C 123 -36.26 -24.45 33.38
C PHE C 123 -37.35 -24.53 32.32
N LYS C 124 -38.14 -23.43 32.17
CA LYS C 124 -39.12 -23.33 31.10
C LYS C 124 -38.50 -22.53 29.97
N PRO C 125 -38.09 -23.16 28.86
CA PRO C 125 -37.51 -22.39 27.76
C PRO C 125 -38.52 -21.42 27.18
N LYS C 126 -38.04 -20.22 26.88
CA LYS C 126 -38.83 -19.14 26.31
C LYS C 126 -38.44 -18.90 24.86
N PRO C 127 -39.25 -18.17 24.09
CA PRO C 127 -38.90 -17.92 22.68
C PRO C 127 -37.59 -17.16 22.55
N PHE C 128 -37.00 -17.24 21.36
CA PHE C 128 -35.65 -16.75 21.10
C PHE C 128 -35.48 -16.58 19.60
N ASN C 129 -34.81 -15.50 19.21
CA ASN C 129 -34.47 -15.26 17.80
C ASN C 129 -33.08 -14.62 17.74
N MET C 130 -32.36 -14.90 16.66
CA MET C 130 -30.95 -14.53 16.66
C MET C 130 -30.74 -13.03 16.57
N LEU C 131 -31.64 -12.28 15.92
CA LEU C 131 -31.40 -10.84 15.79
C LEU C 131 -31.36 -10.15 17.14
N GLU C 132 -32.24 -10.53 18.07
CA GLU C 132 -32.25 -9.89 19.38
C GLU C 132 -30.93 -10.14 20.11
N PHE C 133 -30.42 -11.37 20.03
CA PHE C 133 -29.18 -11.73 20.70
C PHE C 133 -28.02 -10.88 20.17
N TYR C 134 -27.91 -10.76 18.84
CA TYR C 134 -26.89 -9.92 18.24
C TYR C 134 -26.98 -8.50 18.77
N ASP C 135 -28.20 -7.96 18.89
CA ASP C 135 -28.35 -6.59 19.35
C ASP C 135 -28.00 -6.46 20.82
N ARG C 136 -28.50 -7.35 21.66
CA ARG C 136 -28.39 -7.13 23.10
C ARG C 136 -27.02 -7.56 23.62
N ALA C 137 -26.57 -8.74 23.19
CA ALA C 137 -25.27 -9.21 23.61
C ALA C 137 -24.14 -8.49 22.88
N GLY C 138 -24.42 -7.98 21.68
CA GLY C 138 -23.40 -7.31 20.92
C GLY C 138 -22.79 -6.16 21.70
N HIS C 139 -21.59 -5.76 21.29
CA HIS C 139 -20.93 -4.68 22.00
C HIS C 139 -21.68 -3.36 21.77
N ASP C 140 -21.80 -2.59 22.85
CA ASP C 140 -22.55 -1.36 22.88
C ASP C 140 -21.64 -0.21 22.49
N ILE C 141 -22.05 0.57 21.47
CA ILE C 141 -21.29 1.71 20.98
C ILE C 141 -21.00 2.73 22.08
N ARG C 142 -21.88 2.84 23.08
CA ARG C 142 -21.70 3.88 24.09
C ARG C 142 -20.55 3.56 25.04
N GLU C 143 -20.25 2.28 25.29
CA GLU C 143 -19.15 2.00 26.20
C GLU C 143 -17.80 1.77 25.50
N MET C 144 -17.79 1.42 24.19
CA MET C 144 -16.52 1.22 23.49
C MET C 144 -15.85 2.55 23.17
N LEU C 145 -16.65 3.62 22.98
CA LEU C 145 -16.18 4.86 22.36
C LEU C 145 -15.65 5.79 23.45
N LEU C 146 -14.39 5.57 23.83
CA LEU C 146 -13.81 6.40 24.88
C LEU C 146 -13.62 7.84 24.43
N SER C 147 -13.37 8.07 23.14
CA SER C 147 -13.02 9.40 22.66
C SER C 147 -13.35 9.49 21.19
N CYS C 148 -13.79 10.68 20.77
CA CYS C 148 -14.32 10.88 19.42
C CYS C 148 -14.07 12.32 19.05
N PHE C 149 -13.36 12.54 17.95
CA PHE C 149 -13.08 13.88 17.46
C PHE C 149 -13.10 13.84 15.95
N PHE C 150 -13.81 14.78 15.34
CA PHE C 150 -13.82 14.92 13.90
C PHE C 150 -13.40 16.35 13.58
N ARG C 151 -12.24 16.50 12.92
CA ARG C 151 -11.66 17.81 12.66
C ARG C 151 -11.50 18.61 13.94
N GLY C 152 -11.12 17.94 15.02
CA GLY C 152 -10.91 18.60 16.28
C GLY C 152 -12.17 18.89 17.06
N GLU C 153 -13.33 18.76 16.46
CA GLU C 153 -14.58 18.97 17.15
C GLU C 153 -15.05 17.66 17.75
N GLN C 154 -15.84 17.73 18.81
CA GLN C 154 -16.32 16.52 19.47
C GLN C 154 -17.47 15.88 18.71
N CYS C 155 -17.62 14.57 18.89
CA CYS C 155 -18.72 13.77 18.36
C CYS C 155 -19.15 12.78 19.43
N SER C 156 -20.28 12.15 19.21
CA SER C 156 -20.90 11.30 20.22
C SER C 156 -21.40 10.03 19.56
N PRO C 157 -21.78 9.00 20.34
CA PRO C 157 -22.32 7.77 19.73
C PRO C 157 -23.52 8.01 18.84
N GLU C 158 -24.12 9.21 18.89
CA GLU C 158 -25.24 9.56 18.03
C GLU C 158 -24.83 9.72 16.57
N ASP C 159 -23.53 9.98 16.31
CA ASP C 159 -22.97 10.02 14.95
C ASP C 159 -22.69 8.64 14.40
N PHE C 160 -22.91 7.59 15.18
CA PHE C 160 -22.67 6.24 14.74
C PHE C 160 -24.01 5.53 14.55
N LYS C 161 -24.24 5.08 13.32
CA LYS C 161 -25.43 4.33 12.96
C LYS C 161 -25.11 2.84 13.03
N VAL C 162 -25.98 2.08 13.65
CA VAL C 162 -25.78 0.64 13.80
C VAL C 162 -26.14 -0.08 12.50
N VAL C 163 -25.28 -1.03 12.12
CA VAL C 163 -25.48 -1.86 10.93
C VAL C 163 -25.04 -3.27 11.28
N PHE C 164 -25.77 -4.27 10.80
CA PHE C 164 -25.52 -5.66 11.17
C PHE C 164 -24.76 -6.37 10.05
N THR C 165 -23.59 -6.87 10.41
CA THR C 165 -22.68 -7.57 9.53
C THR C 165 -22.34 -8.89 10.21
N ARG C 166 -21.56 -9.75 9.55
CA ARG C 166 -21.31 -11.05 10.15
C ARG C 166 -20.62 -10.96 11.49
N TYR C 167 -19.95 -9.86 11.78
CA TYR C 167 -19.36 -9.70 13.10
C TYR C 167 -20.39 -9.24 14.12
N GLY C 168 -21.64 -9.03 13.70
CA GLY C 168 -22.69 -8.70 14.62
C GLY C 168 -23.07 -7.24 14.60
N LYS C 169 -23.31 -6.67 15.78
CA LYS C 169 -23.75 -5.29 15.91
C LYS C 169 -22.56 -4.36 15.66
N CYS C 170 -22.52 -3.71 14.51
CA CYS C 170 -21.42 -2.83 14.12
C CYS C 170 -21.92 -1.41 13.87
N TYR C 171 -20.98 -0.48 13.79
CA TYR C 171 -21.30 0.93 13.77
C TYR C 171 -20.65 1.63 12.58
N THR C 172 -21.39 2.55 11.96
CA THR C 172 -20.93 3.31 10.81
C THR C 172 -20.94 4.78 11.15
N PHE C 173 -19.75 5.39 11.19
CA PHE C 173 -19.65 6.83 11.35
C PHE C 173 -19.91 7.52 10.03
N ASN C 174 -20.64 8.65 10.08
CA ASN C 174 -20.95 9.45 8.88
C ASN C 174 -21.66 8.61 7.84
N ALA C 175 -22.72 7.92 8.26
CA ALA C 175 -23.43 7.03 7.35
C ALA C 175 -24.05 7.80 6.18
N GLY C 176 -24.32 9.09 6.36
CA GLY C 176 -24.97 9.89 5.34
C GLY C 176 -26.43 9.57 5.17
N GLN C 177 -26.98 8.78 6.08
CA GLN C 177 -28.34 8.29 6.07
C GLN C 177 -29.10 8.98 7.20
N ASP C 178 -30.43 8.91 7.10
CA ASP C 178 -31.33 9.68 7.95
C ASP C 178 -31.04 11.17 7.76
N GLY C 179 -30.99 11.58 6.49
CA GLY C 179 -30.94 12.98 6.10
C GLY C 179 -29.78 13.81 6.61
N LYS C 180 -28.89 13.21 7.40
CA LYS C 180 -27.73 13.96 7.88
C LYS C 180 -26.87 14.34 6.68
N PRO C 181 -26.47 15.61 6.53
CA PRO C 181 -25.55 15.98 5.44
C PRO C 181 -24.27 15.16 5.53
N ARG C 182 -23.57 15.08 4.41
CA ARG C 182 -22.30 14.36 4.41
C ARG C 182 -21.20 15.27 4.93
N LEU C 183 -20.45 14.76 5.90
CA LEU C 183 -19.36 15.51 6.51
C LEU C 183 -18.22 15.72 5.51
N ILE C 184 -17.49 16.81 5.67
CA ILE C 184 -16.31 17.08 4.84
C ILE C 184 -15.13 17.44 5.73
N THR C 185 -13.95 17.53 5.11
CA THR C 185 -12.75 18.01 5.77
C THR C 185 -12.04 19.00 4.87
N MET C 186 -11.32 19.94 5.49
CA MET C 186 -10.62 20.98 4.75
C MET C 186 -9.11 20.97 4.97
N LYS C 187 -8.55 19.91 5.57
CA LYS C 187 -7.12 19.83 5.79
C LYS C 187 -6.74 18.37 5.89
N GLY C 188 -5.51 18.05 5.46
CA GLY C 188 -4.99 16.70 5.57
C GLY C 188 -4.12 16.50 6.80
N GLY C 189 -3.88 15.24 7.14
CA GLY C 189 -2.97 14.91 8.22
C GLY C 189 -3.67 14.32 9.42
N THR C 190 -2.84 13.99 10.41
CA THR C 190 -3.24 13.24 11.60
C THR C 190 -4.52 13.74 12.23
N GLY C 191 -4.60 15.02 12.58
CA GLY C 191 -5.74 15.38 13.41
C GLY C 191 -7.04 15.60 12.67
N ASN C 192 -6.96 15.91 11.38
CA ASN C 192 -8.09 16.50 10.66
C ASN C 192 -8.95 15.49 9.93
N GLY C 193 -9.28 14.42 10.63
CA GLY C 193 -10.18 13.40 10.11
C GLY C 193 -11.01 12.89 11.25
N LEU C 194 -11.20 11.58 11.31
CA LEU C 194 -11.89 10.94 12.42
C LEU C 194 -10.83 10.36 13.33
N GLU C 195 -10.91 10.65 14.62
CA GLU C 195 -9.94 10.13 15.57
C GLU C 195 -10.75 9.57 16.74
N ILE C 196 -10.93 8.25 16.73
CA ILE C 196 -11.61 7.58 17.81
C ILE C 196 -10.58 6.78 18.59
N MET C 197 -10.83 6.71 19.89
CA MET C 197 -10.13 5.86 20.84
C MET C 197 -11.11 4.79 21.31
N LEU C 198 -10.79 3.53 21.02
CA LEU C 198 -11.64 2.41 21.35
C LEU C 198 -11.07 1.57 22.48
N ASP C 199 -11.99 0.98 23.25
CA ASP C 199 -11.75 -0.03 24.30
C ASP C 199 -12.42 -1.30 23.82
N ILE C 200 -11.64 -2.27 23.34
CA ILE C 200 -12.28 -3.43 22.71
C ILE C 200 -12.91 -4.40 23.72
N GLN C 201 -12.65 -4.23 25.03
CA GLN C 201 -13.32 -4.98 26.11
C GLN C 201 -12.99 -6.48 26.02
N GLN C 202 -11.70 -6.76 26.25
CA GLN C 202 -11.23 -8.14 26.15
C GLN C 202 -11.95 -9.04 27.15
N ASP C 203 -12.40 -8.49 28.27
CA ASP C 203 -13.05 -9.26 29.31
C ASP C 203 -14.48 -9.69 28.98
N GLU C 204 -15.07 -9.17 27.92
CA GLU C 204 -16.39 -9.61 27.53
C GLU C 204 -16.36 -10.61 26.39
N TYR C 205 -15.16 -10.93 25.91
CA TYR C 205 -15.01 -11.90 24.85
C TYR C 205 -15.41 -13.27 25.39
N LEU C 206 -16.16 -14.01 24.58
CA LEU C 206 -16.56 -15.33 25.01
C LEU C 206 -15.33 -16.18 25.24
N PRO C 207 -15.29 -16.98 26.31
CA PRO C 207 -14.15 -17.86 26.51
C PRO C 207 -14.08 -18.85 25.36
N VAL C 208 -12.89 -19.34 25.08
CA VAL C 208 -12.68 -20.31 24.01
C VAL C 208 -12.28 -21.62 24.65
N TRP C 209 -13.13 -22.64 24.47
CA TRP C 209 -12.92 -23.98 24.99
C TRP C 209 -12.64 -25.00 23.91
N GLY C 210 -13.03 -24.74 22.67
CA GLY C 210 -12.77 -25.66 21.58
C GLY C 210 -12.92 -24.94 20.27
N GLU C 211 -12.77 -25.69 19.19
CA GLU C 211 -12.62 -25.10 17.88
C GLU C 211 -13.93 -25.21 17.12
N THR C 212 -14.19 -24.21 16.27
CA THR C 212 -15.35 -24.19 15.38
C THR C 212 -14.95 -23.47 14.10
N ASP C 213 -15.86 -23.51 13.12
CA ASP C 213 -15.70 -22.66 11.95
C ASP C 213 -15.67 -21.19 12.35
N GLU C 214 -16.41 -20.81 13.40
CA GLU C 214 -16.69 -19.42 13.69
C GLU C 214 -15.94 -18.89 14.91
N THR C 215 -14.94 -19.60 15.41
CA THR C 215 -14.30 -19.21 16.66
C THR C 215 -12.90 -18.67 16.35
N SER C 216 -12.52 -17.55 17.00
CA SER C 216 -11.26 -16.83 16.77
C SER C 216 -10.34 -16.83 17.99
N PHE C 217 -9.02 -16.79 17.72
CA PHE C 217 -8.01 -16.42 18.71
C PHE C 217 -7.66 -14.95 18.70
N GLU C 218 -8.30 -14.16 17.85
CA GLU C 218 -7.90 -12.78 17.60
C GLU C 218 -8.54 -11.82 18.64
N ALA C 219 -7.91 -10.67 18.80
CA ALA C 219 -8.50 -9.59 19.57
C ALA C 219 -8.15 -8.28 18.91
N GLY C 220 -9.16 -7.43 18.75
CA GLY C 220 -9.04 -6.15 18.12
C GLY C 220 -10.31 -5.81 17.39
N ILE C 221 -10.20 -4.94 16.38
CA ILE C 221 -11.35 -4.54 15.62
C ILE C 221 -11.08 -4.75 14.15
N LYS C 222 -12.16 -4.73 13.37
CA LYS C 222 -12.13 -4.75 11.92
C LYS C 222 -12.79 -3.47 11.43
N VAL C 223 -12.14 -2.77 10.50
CA VAL C 223 -12.55 -1.45 10.04
C VAL C 223 -12.71 -1.50 8.53
N GLN C 224 -13.77 -0.86 8.01
CA GLN C 224 -13.92 -0.69 6.56
C GLN C 224 -14.26 0.75 6.22
N ILE C 225 -13.52 1.31 5.27
CA ILE C 225 -13.79 2.65 4.74
C ILE C 225 -14.48 2.51 3.39
N HIS C 226 -15.70 3.04 3.28
CA HIS C 226 -16.52 2.83 2.11
C HIS C 226 -17.34 4.08 1.83
N SER C 227 -17.80 4.19 0.58
CA SER C 227 -18.76 5.22 0.18
C SER C 227 -20.05 5.06 0.96
N GLN C 228 -20.76 6.16 1.19
CA GLN C 228 -22.00 6.04 1.94
C GLN C 228 -23.08 5.32 1.14
N ASP C 229 -22.88 5.21 -0.18
CA ASP C 229 -23.80 4.60 -1.14
C ASP C 229 -23.74 3.08 -1.13
N GLU C 230 -22.76 2.49 -0.45
CA GLU C 230 -22.65 1.04 -0.42
C GLU C 230 -22.67 0.55 1.02
N PRO C 231 -23.27 -0.61 1.26
CA PRO C 231 -23.23 -1.18 2.60
C PRO C 231 -21.83 -1.69 2.88
N PRO C 232 -21.48 -1.89 4.15
CA PRO C 232 -20.17 -2.49 4.43
C PRO C 232 -20.17 -3.98 4.11
N LEU C 233 -19.05 -4.44 3.59
CA LEU C 233 -18.88 -5.88 3.50
C LEU C 233 -17.69 -6.23 4.39
N ILE C 234 -17.82 -5.95 5.69
CA ILE C 234 -16.64 -5.88 6.55
C ILE C 234 -16.04 -7.25 6.83
N ASP C 235 -16.74 -8.33 6.54
CA ASP C 235 -16.10 -9.63 6.71
C ASP C 235 -15.09 -9.90 5.61
N GLN C 236 -15.25 -9.28 4.45
CA GLN C 236 -14.40 -9.50 3.28
C GLN C 236 -13.48 -8.34 2.97
N LEU C 237 -13.96 -7.10 3.13
CA LEU C 237 -13.24 -5.89 2.74
C LEU C 237 -12.64 -5.11 3.90
N GLY C 238 -12.80 -5.56 5.15
CA GLY C 238 -12.25 -4.84 6.27
C GLY C 238 -10.72 -4.89 6.31
N PHE C 239 -10.15 -4.15 7.25
CA PHE C 239 -8.80 -4.39 7.67
C PHE C 239 -8.82 -4.45 9.19
N GLY C 240 -7.74 -4.98 9.77
CA GLY C 240 -7.63 -5.08 11.21
C GLY C 240 -6.95 -3.87 11.82
N VAL C 241 -7.38 -3.52 13.02
CA VAL C 241 -6.74 -2.54 13.87
C VAL C 241 -6.41 -3.28 15.15
N ALA C 242 -5.18 -3.10 15.66
CA ALA C 242 -4.79 -3.86 16.86
C ALA C 242 -4.81 -2.98 18.09
N PRO C 243 -5.07 -3.56 19.27
CA PRO C 243 -4.98 -2.77 20.50
C PRO C 243 -3.54 -2.48 20.85
N GLY C 244 -3.32 -1.40 21.58
CA GLY C 244 -1.97 -1.02 21.94
C GLY C 244 -1.31 -0.07 20.98
N PHE C 245 -2.00 0.37 19.92
CA PHE C 245 -1.46 1.29 18.92
C PHE C 245 -2.49 2.33 18.54
N GLN C 246 -1.98 3.51 18.22
CA GLN C 246 -2.73 4.45 17.42
C GLN C 246 -2.36 4.12 15.99
N THR C 247 -3.36 3.77 15.19
CA THR C 247 -3.18 3.34 13.80
C THR C 247 -3.55 4.48 12.87
N PHE C 248 -2.60 4.87 12.01
CA PHE C 248 -2.80 5.97 11.08
C PHE C 248 -3.31 5.39 9.77
N VAL C 249 -4.35 6.01 9.20
CA VAL C 249 -4.98 5.51 8.00
C VAL C 249 -5.00 6.67 7.02
N SER C 250 -4.02 6.74 6.13
CA SER C 250 -3.86 7.81 5.15
C SER C 250 -4.63 7.48 3.88
N CYS C 251 -5.62 8.30 3.52
CA CYS C 251 -6.50 7.99 2.40
C CYS C 251 -6.26 8.88 1.18
N GLN C 252 -6.56 8.33 0.01
CA GLN C 252 -6.56 9.05 -1.26
C GLN C 252 -7.85 8.73 -1.98
N GLU C 253 -8.62 9.77 -2.34
CA GLU C 253 -9.91 9.60 -3.01
C GLU C 253 -9.67 9.34 -4.49
N GLN C 254 -10.26 8.28 -5.01
CA GLN C 254 -10.12 7.92 -6.41
C GLN C 254 -11.49 7.91 -7.07
N ARG C 255 -11.62 8.62 -8.17
CA ARG C 255 -12.86 8.64 -8.94
C ARG C 255 -12.66 7.83 -10.21
N LEU C 256 -13.26 6.64 -10.24
CA LEU C 256 -13.22 5.82 -11.43
C LEU C 256 -14.43 6.10 -12.29
N ILE C 257 -14.19 6.28 -13.60
CA ILE C 257 -15.23 6.44 -14.60
C ILE C 257 -14.86 5.47 -15.70
N TYR C 258 -15.53 4.32 -15.75
CA TYR C 258 -15.21 3.21 -16.63
C TYR C 258 -16.26 3.05 -17.73
N LEU C 259 -15.90 2.29 -18.78
CA LEU C 259 -16.77 2.39 -19.97
C LEU C 259 -17.73 1.21 -20.08
N PRO C 260 -18.94 1.50 -20.56
CA PRO C 260 -19.95 0.46 -20.73
C PRO C 260 -19.56 -0.49 -21.86
N PRO C 261 -20.39 -1.50 -22.13
CA PRO C 261 -20.28 -2.20 -23.40
C PRO C 261 -20.63 -1.29 -24.57
N PRO C 262 -20.01 -1.50 -25.74
CA PRO C 262 -19.14 -2.64 -26.07
C PRO C 262 -17.71 -2.51 -25.60
N TRP C 263 -17.28 -1.30 -25.23
CA TRP C 263 -15.88 -1.09 -24.91
C TRP C 263 -15.49 -1.87 -23.65
N GLY C 264 -16.31 -1.75 -22.61
CA GLY C 264 -15.99 -2.33 -21.32
C GLY C 264 -17.08 -3.25 -20.82
N ASP C 265 -17.04 -3.56 -19.53
CA ASP C 265 -18.07 -4.40 -18.94
C ASP C 265 -18.74 -3.76 -17.72
N CYS C 266 -18.71 -2.43 -17.61
CA CYS C 266 -19.38 -1.81 -16.49
C CYS C 266 -20.90 -1.79 -16.76
N LYS C 267 -21.67 -1.46 -15.72
CA LYS C 267 -23.14 -1.40 -15.78
C LYS C 267 -23.62 -0.07 -15.23
N ALA C 268 -24.29 0.73 -16.07
CA ALA C 268 -24.99 1.93 -15.57
C ALA C 268 -26.51 1.72 -15.49
N ASP C 277 -30.95 0.40 -2.67
CA ASP C 277 -31.58 1.53 -3.35
C ASP C 277 -30.73 1.95 -4.55
N THR C 278 -29.42 1.95 -4.34
CA THR C 278 -28.40 2.37 -5.30
C THR C 278 -27.51 1.18 -5.62
N TYR C 279 -27.26 0.94 -6.90
CA TYR C 279 -26.43 -0.19 -7.29
C TYR C 279 -24.99 -0.04 -6.80
N SER C 280 -24.39 -1.18 -6.43
CA SER C 280 -23.00 -1.31 -6.01
C SER C 280 -22.63 -2.79 -6.01
N ILE C 281 -21.35 -3.08 -6.21
CA ILE C 281 -20.89 -4.47 -6.24
C ILE C 281 -21.25 -5.19 -4.93
N THR C 282 -21.07 -4.50 -3.79
CA THR C 282 -21.41 -5.10 -2.50
C THR C 282 -22.88 -5.46 -2.42
N ALA C 283 -23.77 -4.51 -2.76
CA ALA C 283 -25.22 -4.76 -2.72
C ALA C 283 -25.63 -5.88 -3.66
N CYS C 284 -24.88 -6.07 -4.75
CA CYS C 284 -25.18 -7.15 -5.68
C CYS C 284 -24.84 -8.50 -5.06
N ARG C 285 -23.72 -8.60 -4.35
CA ARG C 285 -23.34 -9.90 -3.78
C ARG C 285 -24.26 -10.26 -2.62
N ILE C 286 -24.59 -9.29 -1.78
CA ILE C 286 -25.50 -9.54 -0.65
C ILE C 286 -26.89 -9.93 -1.16
N ASP C 287 -27.31 -9.41 -2.32
CA ASP C 287 -28.58 -9.82 -2.92
C ASP C 287 -28.52 -11.27 -3.41
N CYS C 288 -27.49 -11.62 -4.19
CA CYS C 288 -27.34 -13.02 -4.62
C CYS C 288 -27.30 -13.94 -3.41
N GLU C 289 -26.57 -13.54 -2.37
CA GLU C 289 -26.46 -14.37 -1.18
C GLU C 289 -27.80 -14.53 -0.48
N THR C 290 -28.66 -13.51 -0.51
CA THR C 290 -29.94 -13.66 0.18
C THR C 290 -30.98 -14.39 -0.66
N ARG C 291 -31.11 -14.07 -1.96
CA ARG C 291 -32.07 -14.82 -2.76
C ARG C 291 -31.79 -16.31 -2.69
N TYR C 292 -30.50 -16.68 -2.72
CA TYR C 292 -30.11 -18.09 -2.63
C TYR C 292 -30.51 -18.73 -1.30
N LEU C 293 -30.22 -18.05 -0.19
CA LEU C 293 -30.46 -18.67 1.12
C LEU C 293 -31.95 -18.81 1.40
N VAL C 294 -32.76 -17.82 1.03
CA VAL C 294 -34.20 -17.93 1.25
C VAL C 294 -34.80 -19.04 0.37
N GLU C 295 -34.38 -19.13 -0.90
CA GLU C 295 -34.90 -20.16 -1.80
C GLU C 295 -34.61 -21.56 -1.27
N ASN C 296 -33.39 -21.79 -0.76
CA ASN C 296 -32.99 -23.13 -0.32
C ASN C 296 -33.25 -23.42 1.15
N CYS C 297 -33.36 -22.41 2.02
CA CYS C 297 -33.59 -22.70 3.43
C CYS C 297 -34.68 -21.87 4.09
N ASN C 298 -35.33 -20.95 3.37
CA ASN C 298 -36.45 -20.18 3.91
C ASN C 298 -36.05 -19.46 5.21
N CYS C 299 -34.89 -18.80 5.16
CA CYS C 299 -34.14 -18.35 6.34
C CYS C 299 -33.17 -17.25 5.90
N ARG C 300 -32.95 -16.27 6.78
CA ARG C 300 -31.94 -15.26 6.50
C ARG C 300 -31.03 -15.08 7.70
N MET C 301 -29.82 -14.57 7.43
CA MET C 301 -28.84 -14.30 8.48
C MET C 301 -28.89 -12.84 8.90
N VAL C 302 -28.26 -12.56 10.04
CA VAL C 302 -28.44 -11.25 10.66
C VAL C 302 -27.98 -10.15 9.70
N HIS C 303 -26.96 -10.43 8.91
CA HIS C 303 -26.37 -9.37 8.09
C HIS C 303 -27.11 -9.16 6.78
N MET C 304 -28.22 -9.83 6.58
CA MET C 304 -28.90 -9.79 5.28
C MET C 304 -30.14 -8.92 5.31
N PRO C 305 -30.41 -8.25 4.19
CA PRO C 305 -31.53 -7.31 4.15
C PRO C 305 -32.83 -8.04 3.86
N GLY C 306 -33.92 -7.29 3.95
CA GLY C 306 -35.22 -7.82 3.61
C GLY C 306 -36.14 -8.09 4.79
N ASP C 307 -37.06 -9.06 4.62
CA ASP C 307 -38.10 -9.37 5.60
C ASP C 307 -38.22 -10.85 5.94
N ALA C 308 -37.32 -11.71 5.45
CA ALA C 308 -37.36 -13.12 5.77
C ALA C 308 -37.09 -13.33 7.27
N PRO C 309 -37.57 -14.44 7.85
CA PRO C 309 -37.24 -14.74 9.25
C PRO C 309 -35.77 -15.10 9.45
N TYR C 310 -35.24 -14.71 10.59
CA TYR C 310 -33.85 -14.99 10.92
C TYR C 310 -33.68 -16.46 11.34
N CYS C 311 -32.51 -17.01 11.01
CA CYS C 311 -32.23 -18.41 11.26
C CYS C 311 -32.27 -18.73 12.75
N THR C 312 -32.75 -19.91 13.06
CA THR C 312 -32.55 -20.41 14.41
C THR C 312 -31.19 -21.10 14.47
N PRO C 313 -30.60 -21.22 15.66
CA PRO C 313 -29.34 -21.97 15.76
C PRO C 313 -29.41 -23.34 15.12
N GLU C 314 -30.55 -24.04 15.24
CA GLU C 314 -30.69 -25.33 14.56
C GLU C 314 -30.74 -25.17 13.06
N GLN C 315 -31.43 -24.13 12.58
CA GLN C 315 -31.50 -23.90 11.13
C GLN C 315 -30.13 -23.58 10.55
N TYR C 316 -29.33 -22.77 11.26
CA TYR C 316 -27.96 -22.53 10.80
C TYR C 316 -27.20 -23.84 10.82
N LYS C 317 -27.28 -24.54 11.94
CA LYS C 317 -26.63 -25.83 12.11
C LYS C 317 -27.01 -26.80 11.00
N GLU C 318 -28.32 -26.93 10.75
CA GLU C 318 -28.90 -27.97 9.90
C GLU C 318 -28.97 -27.60 8.42
N CYS C 319 -29.15 -26.31 8.10
CA CYS C 319 -29.44 -25.91 6.72
C CYS C 319 -28.51 -24.84 6.14
N ALA C 320 -28.39 -23.69 6.81
CA ALA C 320 -27.72 -22.54 6.20
C ALA C 320 -26.21 -22.73 6.10
N ASP C 321 -25.57 -23.21 7.18
CA ASP C 321 -24.11 -23.41 7.13
C ASP C 321 -23.71 -24.30 5.97
N PRO C 322 -24.31 -25.47 5.74
CA PRO C 322 -24.03 -26.19 4.49
C PRO C 322 -24.51 -25.47 3.23
N ALA C 323 -25.59 -24.68 3.32
CA ALA C 323 -26.16 -24.00 2.14
C ALA C 323 -25.22 -22.93 1.59
N LEU C 324 -24.59 -22.17 2.50
CA LEU C 324 -23.62 -21.17 2.08
C LEU C 324 -22.33 -21.83 1.62
N ASP C 325 -21.87 -22.83 2.37
CA ASP C 325 -20.72 -23.64 1.97
C ASP C 325 -20.84 -24.11 0.52
N PHE C 326 -22.04 -24.52 0.11
CA PHE C 326 -22.21 -25.01 -1.25
C PHE C 326 -22.16 -23.87 -2.27
N LEU C 327 -22.66 -22.67 -1.91
CA LEU C 327 -22.71 -21.57 -2.87
C LEU C 327 -21.32 -21.14 -3.31
N VAL C 328 -20.36 -21.17 -2.39
CA VAL C 328 -19.01 -20.71 -2.72
C VAL C 328 -18.39 -21.62 -3.77
N GLU C 329 -18.76 -22.91 -3.77
CA GLU C 329 -18.16 -23.88 -4.68
C GLU C 329 -18.88 -24.02 -6.02
N LYS C 330 -20.22 -23.95 -6.08
CA LYS C 330 -20.92 -24.23 -7.33
C LYS C 330 -21.79 -23.11 -7.90
N ASP C 331 -22.29 -22.17 -7.08
CA ASP C 331 -23.24 -21.16 -7.57
C ASP C 331 -22.76 -19.72 -7.50
N ASN C 332 -21.50 -19.47 -7.12
CA ASN C 332 -20.88 -18.19 -7.48
C ASN C 332 -20.92 -17.98 -9.00
N GLU C 333 -20.68 -19.06 -9.75
CA GLU C 333 -20.51 -18.99 -11.20
C GLU C 333 -21.78 -18.53 -11.90
N TYR C 334 -22.94 -18.88 -11.34
CA TYR C 334 -24.24 -18.55 -11.93
C TYR C 334 -24.61 -17.10 -11.71
N CYS C 335 -24.28 -16.51 -10.54
CA CYS C 335 -24.65 -15.13 -10.27
C CYS C 335 -23.37 -14.33 -10.38
N VAL C 336 -23.21 -13.62 -11.52
CA VAL C 336 -22.09 -12.72 -11.81
C VAL C 336 -22.50 -11.26 -11.61
N CYS C 337 -21.59 -10.50 -11.00
CA CYS C 337 -21.80 -9.09 -10.64
C CYS C 337 -20.75 -8.20 -11.29
N GLU C 338 -21.16 -7.38 -12.28
CA GLU C 338 -20.25 -6.50 -12.99
C GLU C 338 -19.98 -5.23 -12.16
N MET C 339 -18.90 -4.46 -12.55
CA MET C 339 -18.45 -3.22 -11.94
C MET C 339 -19.34 -2.03 -12.35
N PRO C 340 -19.53 -1.02 -11.48
CA PRO C 340 -20.27 0.17 -11.88
C PRO C 340 -19.42 1.17 -12.65
N CYS C 341 -20.10 2.16 -13.24
CA CYS C 341 -19.43 3.11 -14.12
C CYS C 341 -18.99 4.39 -13.41
N ASN C 342 -19.65 4.80 -12.35
CA ASN C 342 -19.23 5.92 -11.52
C ASN C 342 -18.86 5.35 -10.16
N VAL C 343 -17.57 5.30 -9.87
CA VAL C 343 -17.09 4.67 -8.63
C VAL C 343 -16.11 5.60 -7.94
N THR C 344 -16.28 5.77 -6.63
CA THR C 344 -15.34 6.46 -5.76
C THR C 344 -14.70 5.42 -4.84
N ARG C 345 -13.39 5.27 -4.96
CA ARG C 345 -12.62 4.35 -4.13
C ARG C 345 -11.75 5.15 -3.18
N TYR C 346 -11.41 4.52 -2.06
CA TYR C 346 -10.54 5.09 -1.02
C TYR C 346 -9.32 4.19 -0.85
N GLY C 347 -8.15 4.66 -1.30
CA GLY C 347 -6.91 3.97 -1.01
C GLY C 347 -6.39 4.35 0.37
N LYS C 348 -5.76 3.41 1.05
CA LYS C 348 -5.41 3.59 2.45
C LYS C 348 -3.99 3.12 2.67
N GLU C 349 -3.24 3.86 3.49
CA GLU C 349 -1.90 3.49 3.92
C GLU C 349 -1.84 3.40 5.44
N LEU C 350 -1.61 2.19 5.97
CA LEU C 350 -1.61 1.98 7.40
C LEU C 350 -0.23 2.20 8.02
N SER C 351 -0.23 2.85 9.20
CA SER C 351 0.95 3.24 9.97
C SER C 351 0.54 3.10 11.42
N MET C 352 1.52 2.99 12.31
CA MET C 352 1.11 2.88 13.70
C MET C 352 2.22 3.35 14.59
N VAL C 353 1.83 3.87 15.75
CA VAL C 353 2.75 4.17 16.82
C VAL C 353 2.18 3.55 18.10
N LYS C 354 3.02 3.50 19.11
CA LYS C 354 2.69 2.76 20.30
C LYS C 354 1.74 3.56 21.18
N ILE C 355 0.84 2.85 21.84
CA ILE C 355 -0.05 3.43 22.84
C ILE C 355 -0.19 2.56 24.09
N PRO C 356 -0.19 3.17 25.28
CA PRO C 356 -0.01 4.60 25.50
C PRO C 356 1.44 4.87 25.88
N SER C 357 1.87 6.11 25.74
CA SER C 357 3.21 6.50 26.15
C SER C 357 3.35 6.39 27.66
N LYS C 358 4.59 6.17 28.11
CA LYS C 358 4.86 6.11 29.55
C LYS C 358 4.37 7.36 30.24
N ALA C 359 4.48 8.51 29.57
CA ALA C 359 4.01 9.75 30.18
C ALA C 359 2.49 9.73 30.36
N SER C 360 1.77 9.10 29.43
CA SER C 360 0.32 9.12 29.47
C SER C 360 -0.30 7.83 29.99
N ALA C 361 0.51 6.82 30.29
CA ALA C 361 -0.05 5.54 30.71
C ALA C 361 -0.80 5.68 32.03
N LYS C 362 -0.18 6.36 33.01
CA LYS C 362 -0.80 6.51 34.32
C LYS C 362 -2.06 7.36 34.25
N TYR C 363 -2.07 8.36 33.36
CA TYR C 363 -3.22 9.25 33.23
C TYR C 363 -4.43 8.54 32.66
N LEU C 364 -4.24 7.70 31.64
CA LEU C 364 -5.38 7.01 31.04
C LEU C 364 -5.96 6.00 32.00
N ALA C 365 -5.13 5.41 32.85
CA ALA C 365 -5.64 4.50 33.87
C ALA C 365 -6.55 5.25 34.83
N LYS C 366 -6.06 6.37 35.37
CA LYS C 366 -6.88 7.23 36.22
C LYS C 366 -8.13 7.72 35.49
N LYS C 367 -7.99 8.08 34.21
CA LYS C 367 -9.09 8.74 33.52
C LYS C 367 -10.29 7.82 33.30
N TYR C 368 -10.07 6.52 33.12
CA TYR C 368 -11.14 5.58 32.78
C TYR C 368 -11.26 4.48 33.82
N ASN C 369 -10.69 4.70 35.00
CA ASN C 369 -10.75 3.76 36.12
C ASN C 369 -10.39 2.34 35.66
N LYS C 370 -9.21 2.20 35.05
CA LYS C 370 -8.74 0.89 34.59
C LYS C 370 -7.26 0.72 34.89
N SER C 371 -6.81 -0.53 34.79
CA SER C 371 -5.41 -0.82 35.05
C SER C 371 -4.52 -0.31 33.92
N GLU C 372 -3.23 -0.09 34.24
CA GLU C 372 -2.30 0.26 33.16
C GLU C 372 -2.12 -0.91 32.20
N GLN C 373 -2.14 -2.14 32.73
CA GLN C 373 -2.09 -3.31 31.85
C GLN C 373 -3.37 -3.44 31.04
N TYR C 374 -4.52 -3.09 31.64
CA TYR C 374 -5.76 -3.11 30.88
C TYR C 374 -5.68 -2.14 29.71
N ILE C 375 -5.16 -0.93 29.93
CA ILE C 375 -5.05 0.05 28.84
C ILE C 375 -4.24 -0.52 27.69
N GLY C 376 -3.05 -1.06 27.99
CA GLY C 376 -2.19 -1.58 26.94
C GLY C 376 -2.73 -2.82 26.25
N GLU C 377 -3.71 -3.50 26.86
CA GLU C 377 -4.36 -4.67 26.26
C GLU C 377 -5.67 -4.38 25.56
N ASN C 378 -6.30 -3.24 25.83
CA ASN C 378 -7.67 -3.03 25.35
C ASN C 378 -7.85 -1.75 24.54
N ILE C 379 -6.89 -0.83 24.55
CA ILE C 379 -7.04 0.49 23.97
C ILE C 379 -6.34 0.52 22.62
N LEU C 380 -7.05 1.04 21.62
CA LEU C 380 -6.48 1.43 20.34
C LEU C 380 -7.05 2.78 19.98
N VAL C 381 -6.26 3.57 19.26
CA VAL C 381 -6.71 4.83 18.70
C VAL C 381 -6.66 4.72 17.18
N LEU C 382 -7.82 4.86 16.56
CA LEU C 382 -7.96 4.78 15.11
C LEU C 382 -8.05 6.22 14.58
N ASP C 383 -7.16 6.54 13.65
CA ASP C 383 -6.99 7.88 13.11
C ASP C 383 -7.07 7.82 11.59
N ILE C 384 -8.22 8.25 11.05
CA ILE C 384 -8.53 8.19 9.63
C ILE C 384 -8.54 9.61 9.11
N PHE C 385 -7.85 9.82 7.99
CA PHE C 385 -7.74 11.15 7.43
C PHE C 385 -7.30 10.99 5.99
N PHE C 386 -7.34 12.10 5.27
CA PHE C 386 -6.86 12.19 3.89
C PHE C 386 -5.42 12.69 3.90
N GLU C 387 -4.58 12.07 3.07
CA GLU C 387 -3.21 12.53 2.99
C GLU C 387 -3.14 14.02 2.70
N ALA C 388 -3.86 14.45 1.66
CA ALA C 388 -3.89 15.85 1.26
C ALA C 388 -5.15 16.08 0.43
N LEU C 389 -5.43 17.35 0.16
CA LEU C 389 -6.68 17.77 -0.47
C LEU C 389 -6.61 17.66 -1.98
N ASN C 390 -6.79 16.44 -2.48
CA ASN C 390 -6.90 16.25 -3.92
C ASN C 390 -7.54 14.89 -4.15
N TYR C 391 -8.04 14.70 -5.37
CA TYR C 391 -8.62 13.43 -5.75
C TYR C 391 -8.12 13.02 -7.11
N GLU C 392 -7.78 11.75 -7.23
CA GLU C 392 -7.37 11.18 -8.50
C GLU C 392 -8.59 10.76 -9.29
N THR C 393 -8.45 10.77 -10.62
CA THR C 393 -9.52 10.31 -11.50
C THR C 393 -8.92 9.35 -12.50
N ILE C 394 -9.44 8.12 -12.53
CA ILE C 394 -9.01 7.09 -13.45
C ILE C 394 -10.18 6.81 -14.37
N GLU C 395 -10.05 7.16 -15.66
CA GLU C 395 -11.16 7.16 -16.61
C GLU C 395 -10.79 6.38 -17.87
N GLN C 396 -11.66 5.45 -18.27
CA GLN C 396 -11.50 4.78 -19.55
C GLN C 396 -12.06 5.66 -20.69
N LYS C 397 -11.22 5.96 -21.67
CA LYS C 397 -11.57 6.80 -22.80
C LYS C 397 -11.54 5.97 -24.08
N LYS C 398 -12.43 6.30 -25.00
CA LYS C 398 -12.50 5.56 -26.26
C LYS C 398 -11.30 5.85 -27.14
N ALA C 399 -10.67 4.78 -27.65
CA ALA C 399 -9.40 4.94 -28.35
C ALA C 399 -9.55 5.29 -29.81
N TYR C 400 -10.64 4.82 -30.46
CA TYR C 400 -10.86 4.95 -31.92
C TYR C 400 -12.36 5.10 -32.18
N GLU C 401 -12.81 6.35 -32.21
CA GLU C 401 -14.21 6.61 -32.51
C GLU C 401 -14.48 6.61 -34.03
N VAL C 402 -15.75 6.82 -34.40
CA VAL C 402 -16.18 6.72 -35.79
C VAL C 402 -15.68 7.91 -36.62
N ALA C 403 -15.70 9.12 -36.05
CA ALA C 403 -15.12 10.25 -36.76
C ALA C 403 -13.68 9.98 -37.17
N GLY C 404 -12.89 9.37 -36.28
CA GLY C 404 -11.49 9.11 -36.60
C GLY C 404 -11.26 7.95 -37.52
N LEU C 405 -12.21 7.02 -37.59
CA LEU C 405 -12.12 5.96 -38.58
C LEU C 405 -12.17 6.55 -39.98
N LEU C 406 -13.18 7.38 -40.25
CA LEU C 406 -13.39 7.91 -41.59
C LEU C 406 -12.18 8.74 -42.04
N GLY C 407 -11.69 9.62 -41.17
CA GLY C 407 -10.46 10.33 -41.48
C GLY C 407 -9.32 9.42 -41.92
N ASP C 408 -9.19 8.23 -41.28
CA ASP C 408 -8.09 7.35 -41.66
C ASP C 408 -8.34 6.68 -43.01
N ILE C 409 -9.55 6.15 -43.24
CA ILE C 409 -9.81 5.53 -44.53
C ILE C 409 -9.93 6.59 -45.61
N GLY C 410 -10.62 7.70 -45.32
CA GLY C 410 -10.67 8.79 -46.28
C GLY C 410 -9.29 9.25 -46.71
N GLY C 411 -8.36 9.36 -45.76
CA GLY C 411 -7.00 9.75 -46.10
C GLY C 411 -6.29 8.67 -46.89
N GLN C 412 -6.61 7.41 -46.62
CA GLN C 412 -6.00 6.30 -47.37
C GLN C 412 -6.56 6.25 -48.80
N MET C 413 -7.86 6.47 -48.95
CA MET C 413 -8.44 6.56 -50.29
C MET C 413 -7.78 7.68 -51.07
N GLY C 414 -7.84 8.90 -50.55
CA GLY C 414 -7.19 10.01 -51.22
C GLY C 414 -5.68 9.92 -51.25
N LEU C 415 -5.16 8.70 -51.10
CA LEU C 415 -3.71 8.47 -51.11
C LEU C 415 -3.31 7.40 -52.10
N PHE C 416 -3.86 6.19 -51.96
CA PHE C 416 -3.52 5.12 -52.90
C PHE C 416 -4.20 5.32 -54.25
N ILE C 417 -5.36 5.96 -54.26
CA ILE C 417 -6.07 6.29 -55.50
C ILE C 417 -6.53 7.74 -55.37
N GLY C 418 -7.52 8.16 -56.11
CA GLY C 418 -8.04 9.48 -55.85
C GLY C 418 -9.39 9.46 -55.16
N ALA C 419 -9.76 8.32 -54.58
CA ALA C 419 -11.18 8.04 -54.37
C ALA C 419 -11.82 8.87 -53.27
N SER C 420 -13.07 9.27 -53.52
CA SER C 420 -14.05 9.77 -52.58
C SER C 420 -15.18 8.76 -52.53
N ILE C 421 -16.25 9.08 -51.79
CA ILE C 421 -17.42 8.22 -51.90
C ILE C 421 -18.13 8.50 -53.21
N LEU C 422 -18.00 9.72 -53.73
CA LEU C 422 -18.69 10.04 -54.98
C LEU C 422 -18.14 9.24 -56.14
N THR C 423 -16.82 9.06 -56.21
CA THR C 423 -16.25 8.24 -57.27
C THR C 423 -16.78 6.80 -57.17
N VAL C 424 -16.97 6.30 -55.95
CA VAL C 424 -17.51 4.96 -55.80
C VAL C 424 -18.97 4.91 -56.23
N LEU C 425 -19.68 6.04 -56.16
CA LEU C 425 -21.05 6.08 -56.69
C LEU C 425 -21.07 6.21 -58.20
N GLU C 426 -20.02 6.79 -58.80
CA GLU C 426 -19.93 6.77 -60.25
C GLU C 426 -19.72 5.36 -60.79
N LEU C 427 -18.99 4.52 -60.05
CA LEU C 427 -18.77 3.16 -60.47
C LEU C 427 -19.97 2.26 -60.25
N PHE C 428 -20.96 2.70 -59.48
CA PHE C 428 -22.25 2.00 -59.39
C PHE C 428 -23.25 2.56 -60.37
N ASP C 429 -23.10 3.84 -60.69
CA ASP C 429 -23.77 4.43 -61.84
C ASP C 429 -23.33 3.70 -63.11
N TYR C 430 -22.01 3.67 -63.34
CA TYR C 430 -21.44 2.96 -64.48
C TYR C 430 -21.69 1.45 -64.40
N ALA C 431 -21.96 0.91 -63.19
CA ALA C 431 -22.42 -0.46 -63.01
C ALA C 431 -23.94 -0.50 -63.20
N TYR C 432 -24.43 0.44 -64.01
CA TYR C 432 -25.78 0.40 -64.58
C TYR C 432 -25.65 0.61 -66.10
N GLU C 433 -25.00 -0.37 -66.73
CA GLU C 433 -24.84 -0.46 -68.19
C GLU C 433 -25.46 -1.76 -68.69
C1 NAG D . 0.21 -14.40 -21.22
C2 NAG D . 0.11 -14.75 -22.70
C3 NAG D . -1.07 -15.68 -22.95
C4 NAG D . -0.90 -16.94 -22.11
C5 NAG D . -0.75 -16.57 -20.63
C6 NAG D . -0.37 -17.75 -19.76
C7 NAG D . -0.91 -12.59 -23.39
C8 NAG D . -0.80 -11.43 -24.32
N2 NAG D . 0.01 -13.54 -23.53
O3 NAG D . -1.16 -16.00 -24.35
O4 NAG D . -2.00 -17.84 -22.28
O5 NAG D . 0.30 -15.60 -20.46
O6 NAG D . 0.91 -17.55 -19.18
O7 NAG D . -1.82 -12.67 -22.55
C10 UZG E . 24.28 -18.12 1.66
C13 UZG E . 27.91 -16.75 6.94
C15 UZG E . 25.98 -16.78 8.37
C17 UZG E . 25.97 -17.93 6.23
C20 UZG E . 23.78 -16.15 11.22
C21 UZG E . 22.60 -15.97 12.01
C22 UZG E . 22.69 -15.67 13.37
C24 UZG E . 25.13 -15.72 13.18
C01 UZG E . 27.44 -22.66 0.81
C03 UZG E . 26.93 -20.64 1.92
C04 UZG E . 28.11 -20.82 2.64
C05 UZG E . 28.42 -19.86 3.60
C06 UZG E . 27.60 -18.78 3.87
C07 UZG E . 26.44 -18.60 3.14
C08 UZG E . 26.11 -19.55 2.18
C12 UZG E . 27.27 -17.53 5.99
C14 UZG E . 27.28 -16.41 8.13
C16 UZG E . 25.33 -17.57 7.43
C18 UZG E . 25.28 -16.44 9.68
C23 UZG E . 23.96 -15.55 13.95
C25 UZG E . 25.00 -16.02 11.80
C27 UZG E . 24.07 -15.24 15.44
N19 UZG E . 24.00 -16.46 9.89
N26 UZG E . 25.89 -16.19 10.81
N28 UZG E . 25.17 -15.32 16.04
N29 UZG E . 23.03 -14.94 16.05
O02 UZG E . 26.57 -21.58 0.95
O09 UZG E . 24.93 -19.36 1.45
O11 UZG E . 28.02 -17.83 4.83
NA NA F . -5.87 9.70 -37.04
C1 NAG G . 12.30 17.79 -16.16
C2 NAG G . 12.70 16.31 -16.27
C3 NAG G . 13.48 16.02 -17.56
C4 NAG G . 12.77 16.63 -18.77
C5 NAG G . 12.42 18.09 -18.53
C6 NAG G . 11.66 18.71 -19.67
C7 NAG G . 14.50 16.48 -14.53
C8 NAG G . 15.07 15.84 -13.31
N2 NAG G . 13.44 15.86 -15.09
O3 NAG G . 13.56 14.61 -17.74
O4 NAG G . 13.59 16.53 -19.94
O5 NAG G . 11.59 18.19 -17.36
O6 NAG G . 12.22 18.38 -20.93
O7 NAG G . 14.98 17.51 -15.01
C10 UZG H . 4.72 25.52 15.64
C13 UZG H . 1.97 25.23 21.71
C15 UZG H . 2.93 23.08 22.17
C17 UZG H . 3.91 24.53 20.49
C20 UZG H . 3.51 19.75 23.60
C21 UZG H . 4.09 18.47 23.76
C22 UZG H . 3.66 17.63 24.78
C24 UZG H . 2.08 19.34 25.49
C01 UZG H . 7.60 29.82 17.41
C03 UZG H . 6.10 28.09 17.80
C04 UZG H . 5.75 28.74 18.98
C05 UZG H . 4.66 28.29 19.72
C06 UZG H . 3.93 27.19 19.29
C07 UZG H . 4.27 26.57 18.09
C08 UZG H . 5.37 26.99 17.35
C12 UZG H . 2.93 25.50 20.74
C14 UZG H . 1.97 24.04 22.43
C16 UZG H . 3.93 23.33 21.21
C18 UZG H . 2.94 21.76 22.98
C23 UZG H . 2.66 18.08 25.64
C25 UZG H . 2.52 20.20 24.45
C27 UZG H . 2.19 17.15 26.75
N19 UZG H . 3.75 20.75 22.70
N26 UZG H . 2.17 21.46 24.04
N28 UZG H . 1.93 17.65 27.87
N29 UZG H . 2.08 15.91 26.53
O02 UZG H . 7.19 28.53 17.04
O09 UZG H . 5.72 26.36 16.16
O11 UZG H . 2.83 26.75 20.06
C1 NAG I . -21.23 10.42 -12.59
C2 NAG I . -20.48 11.64 -12.05
C3 NAG I . -21.15 12.91 -12.58
C4 NAG I . -21.22 12.87 -14.10
C5 NAG I . -21.86 11.56 -14.59
C6 NAG I . -21.79 11.38 -16.10
C7 NAG I . -21.35 11.45 -9.70
C8 NAG I . -20.94 11.52 -8.25
N2 NAG I . -20.35 11.66 -10.59
O3 NAG I . -20.41 14.06 -12.15
O4 NAG I . -21.99 13.97 -14.59
O5 NAG I . -21.18 10.43 -14.02
O6 NAG I . -23.07 11.44 -16.71
O7 NAG I . -22.50 11.21 -10.04
C10 UZG J . -24.58 -14.43 10.62
C13 UZG J . -22.66 -19.46 14.51
C15 UZG J . -21.38 -17.95 15.88
C17 UZG J . -23.31 -17.15 14.62
C20 UZG J . -18.91 -16.71 18.26
C21 UZG J . -18.09 -15.83 19.01
C22 UZG J . -17.21 -16.36 19.95
C24 UZG J . -17.90 -18.60 19.42
C01 UZG J . -29.75 -15.48 12.01
C03 UZG J . -27.45 -15.92 12.30
C04 UZG J . -27.73 -17.00 13.13
C05 UZG J . -26.75 -17.93 13.44
C06 UZG J . -25.47 -17.78 12.92
C07 UZG J . -25.20 -16.70 12.08
C08 UZG J . -26.17 -15.76 11.78
C12 UZG J . -23.51 -18.42 14.12
C14 UZG J . -21.61 -19.23 15.40
C16 UZG J . -22.26 -16.91 15.52
C18 UZG J . -20.28 -17.70 16.90
C23 UZG J . -17.11 -17.73 20.16
C25 UZG J . -18.82 -18.07 18.46
C27 UZG J . -16.16 -18.27 21.22
N19 UZG J . -19.84 -16.52 17.27
N26 UZG J . -19.70 -18.65 17.60
N28 UZG J . -16.33 -19.42 21.72
N29 UZG J . -15.23 -17.52 21.61
O02 UZG J . -28.45 -14.97 11.99
O09 UZG J . -25.92 -14.66 10.93
O11 UZG J . -24.52 -18.75 13.22
#